data_4HJ0
#
_entry.id   4HJ0
#
_cell.length_a   48.266
_cell.length_b   109.850
_cell.length_c   105.935
_cell.angle_alpha   90.00
_cell.angle_beta   97.76
_cell.angle_gamma   90.00
#
_symmetry.space_group_name_H-M   'P 1 21 1'
#
loop_
_entity.id
_entity.type
_entity.pdbx_description
1 polymer 'Gastric inhibitory polypeptide receptor'
2 polymer 'Gipg013 Fab, Antagonizing antibody to the GIP Receptor, Heavy chain'
3 polymer 'Gipg013 Fab, Antagonizing antibody to the GIP Receptor, Light chain'
#
loop_
_entity_poly.entity_id
_entity_poly.type
_entity_poly.pdbx_seq_one_letter_code
_entity_poly.pdbx_strand_id
1 'polypeptide(L)'
;MGSSHHHHHHSDYKDDDDKHMETGSKGQTAGELYQRWERYRRECQETLAAAEPPSGLACNGSFDMYVCWDYAAPNATARA
SCPWYLPWHHHVAAGFVLRQCGSDGQWGLWRDHTQCENPEKNEAFLDQRLILERLQ
;
A,B
2 'polypeptide(L)'
;QVQLQQSGAEVKKPGSSVKVSCKASGGTFSSYAISWVRQAPGQGLEWMGGIIPTFGTANYAQKFQGRVTITADESTSTAY
MELSSLRSEDTAVYYCAQGPIVGAPTDYWGKGTLVTVSSASTKGPSVFPLAPSSKSTSGGTAALGCLVKDYFPEPVTVSW
NSGALTSGVHTFPAVLQSSGLYSLSSVVTVPSSSLGTQTYICNVNHKPSNTKVDKRVEPKSCDKTHT
;
P,C
3 'polypeptide(L)'
;SYVLTQPPSASGTPGQRVAISCSGSNSNIGSNTVHWYQQLPGAAPKLLIYSNNQRPSGVPDRFSGSNSGTSASLAISRLQ
SEDEADYYCAAWDDSLNGVVFGGGTKVTVLQPKAAPSVTLFPPSSEELQANKATLVCLISDFYPGAVTVAWKADSSPVKA
GVETTTPSKQSNNKYAASSYLSLTPEQWKSHRSYSCQVTHEGSTVEKTVAPTECS
;
Q,D
#
# COMPACT_ATOMS: atom_id res chain seq x y z
N THR A 29 51.41 6.93 -2.10
CA THR A 29 50.58 6.01 -1.34
C THR A 29 49.31 6.69 -0.83
N ALA A 30 48.26 5.90 -0.65
CA ALA A 30 46.95 6.42 -0.27
C ALA A 30 46.97 7.39 0.90
N GLY A 31 47.69 7.03 1.96
CA GLY A 31 47.75 7.87 3.15
C GLY A 31 48.08 9.31 2.79
N GLU A 32 49.07 9.48 1.91
CA GLU A 32 49.53 10.80 1.51
C GLU A 32 48.47 11.59 0.74
N LEU A 33 47.87 10.96 -0.27
CA LEU A 33 46.78 11.57 -1.02
C LEU A 33 45.68 12.03 -0.07
N TYR A 34 45.26 11.13 0.81
CA TYR A 34 44.21 11.43 1.78
C TYR A 34 44.57 12.64 2.62
N GLN A 35 45.76 12.64 3.20
CA GLN A 35 46.21 13.80 3.98
C GLN A 35 46.10 15.07 3.15
N ARG A 36 46.45 14.96 1.87
CA ARG A 36 46.36 16.10 0.96
C ARG A 36 44.93 16.59 0.78
N TRP A 37 43.98 15.66 0.65
CA TRP A 37 42.57 16.03 0.57
C TRP A 37 42.19 16.75 1.86
N GLU A 38 42.57 16.16 2.98
CA GLU A 38 42.31 16.73 4.30
C GLU A 38 42.83 18.16 4.36
N ARG A 39 43.89 18.45 3.61
CA ARG A 39 44.42 19.81 3.53
C ARG A 39 43.66 20.75 2.58
N TYR A 40 43.34 20.27 1.38
CA TYR A 40 42.61 21.07 0.41
C TYR A 40 41.33 21.69 0.93
N ARG A 41 40.70 20.97 1.86
CA ARG A 41 39.68 21.54 2.73
C ARG A 41 40.40 21.82 4.03
N ARG A 42 39.96 22.81 4.80
CA ARG A 42 40.73 23.38 5.91
C ARG A 42 41.69 24.33 5.24
N GLU A 43 41.51 24.51 3.94
CA GLU A 43 42.08 25.60 3.16
C GLU A 43 40.91 26.30 2.47
N CYS A 44 40.19 25.54 1.67
CA CYS A 44 38.91 26.02 1.15
C CYS A 44 38.07 26.60 2.30
N GLN A 45 38.09 25.90 3.44
CA GLN A 45 37.43 26.40 4.64
C GLN A 45 37.79 27.79 5.18
N GLU A 46 39.09 28.04 5.34
CA GLU A 46 39.54 29.33 5.84
C GLU A 46 39.45 30.55 4.87
N THR A 47 39.44 30.21 3.59
CA THR A 47 39.20 31.18 2.54
C THR A 47 37.71 31.49 2.67
N LEU A 48 36.88 30.45 2.64
CA LEU A 48 35.44 30.65 2.81
C LEU A 48 35.11 31.40 4.10
N ALA A 49 35.95 31.20 5.12
CA ALA A 49 35.77 31.86 6.41
C ALA A 49 36.25 33.29 6.32
N ALA A 50 37.26 33.52 5.49
CA ALA A 50 37.74 34.88 5.24
C ALA A 50 36.78 35.62 4.33
N ALA A 51 36.21 34.90 3.37
CA ALA A 51 35.33 35.48 2.36
C ALA A 51 34.01 35.99 2.94
N GLU A 52 33.68 37.23 2.61
CA GLU A 52 32.42 37.84 3.04
C GLU A 52 31.37 37.81 1.93
N PRO A 53 30.15 37.39 2.27
CA PRO A 53 29.07 37.16 1.31
C PRO A 53 28.82 38.38 0.42
N PRO A 54 28.36 38.15 -0.82
CA PRO A 54 28.06 39.21 -1.77
C PRO A 54 26.88 40.05 -1.30
N SER A 55 26.68 41.21 -1.92
CA SER A 55 25.58 42.09 -1.57
C SER A 55 24.28 41.47 -2.02
N GLY A 56 24.13 41.31 -3.34
CA GLY A 56 22.94 40.71 -3.90
C GLY A 56 22.85 39.23 -3.61
N LEU A 57 21.92 38.56 -4.28
CA LEU A 57 21.68 37.15 -4.06
C LEU A 57 22.70 36.29 -4.82
N ALA A 58 23.26 35.29 -4.14
CA ALA A 58 24.25 34.42 -4.77
C ALA A 58 24.28 33.05 -4.11
N CYS A 59 24.75 32.06 -4.85
CA CYS A 59 24.91 30.72 -4.31
C CYS A 59 25.97 30.74 -3.22
N ASN A 60 25.72 30.00 -2.15
CA ASN A 60 26.63 29.97 -1.01
C ASN A 60 28.05 29.54 -1.39
N GLY A 61 29.04 30.26 -0.87
CA GLY A 61 30.40 29.77 -0.92
C GLY A 61 30.43 28.55 -0.02
N SER A 62 30.83 27.40 -0.58
CA SER A 62 30.72 26.16 0.17
C SER A 62 31.72 25.10 -0.29
N PHE A 63 31.90 24.10 0.57
CA PHE A 63 32.79 22.98 0.27
C PHE A 63 31.98 21.70 0.07
N ASP A 64 31.96 21.21 -1.18
CA ASP A 64 31.20 20.02 -1.53
C ASP A 64 32.03 18.76 -1.31
N MET A 65 33.22 18.96 -0.76
CA MET A 65 34.15 17.88 -0.43
C MET A 65 34.98 17.40 -1.60
N TYR A 66 34.60 17.81 -2.80
CA TYR A 66 35.33 17.43 -3.99
C TYR A 66 36.11 18.63 -4.49
N VAL A 67 35.39 19.68 -4.84
CA VAL A 67 36.00 20.94 -5.21
C VAL A 67 35.51 22.05 -4.29
N CYS A 68 36.27 23.13 -4.19
CA CYS A 68 35.88 24.29 -3.40
C CYS A 68 35.29 25.37 -4.29
N TRP A 69 34.17 25.96 -3.89
CA TRP A 69 33.47 26.90 -4.76
C TRP A 69 33.40 28.32 -4.27
N ASP A 70 33.59 29.26 -5.20
CA ASP A 70 33.33 30.68 -4.95
C ASP A 70 31.87 30.99 -4.73
N TYR A 71 31.55 32.21 -4.31
CA TYR A 71 30.17 32.63 -4.27
C TYR A 71 29.93 32.79 -5.76
N ALA A 72 28.73 32.46 -6.22
CA ALA A 72 28.47 32.46 -7.66
C ALA A 72 27.48 33.56 -8.04
N ALA A 73 27.78 34.23 -9.15
CA ALA A 73 26.89 35.24 -9.69
C ALA A 73 25.52 34.61 -9.91
N PRO A 74 24.46 35.41 -9.75
CA PRO A 74 23.10 34.89 -9.96
C PRO A 74 22.90 34.43 -11.38
N ASN A 75 22.36 33.23 -11.55
CA ASN A 75 22.04 32.70 -12.87
C ASN A 75 23.27 32.60 -13.77
N ALA A 76 24.35 32.05 -13.25
CA ALA A 76 25.60 31.93 -14.00
C ALA A 76 26.29 30.60 -13.75
N THR A 77 27.30 30.31 -14.57
CA THR A 77 28.10 29.09 -14.40
C THR A 77 29.40 29.38 -13.64
N ALA A 78 29.54 28.76 -12.47
CA ALA A 78 30.72 28.95 -11.65
C ALA A 78 31.89 28.08 -12.10
N ARG A 79 33.08 28.68 -12.14
CA ARG A 79 34.29 27.97 -12.55
C ARG A 79 35.16 27.68 -11.33
N ALA A 80 35.65 26.44 -11.23
CA ALA A 80 36.51 26.07 -10.12
C ALA A 80 37.83 25.49 -10.61
N SER A 81 38.93 25.84 -9.93
CA SER A 81 40.22 25.29 -10.29
C SER A 81 40.21 23.78 -10.07
N CYS A 82 40.86 23.06 -10.97
CA CYS A 82 41.09 21.64 -10.74
C CYS A 82 41.77 21.43 -9.41
N PRO A 83 41.22 20.56 -8.56
CA PRO A 83 41.75 20.40 -7.20
C PRO A 83 43.18 19.88 -7.18
N TRP A 84 44.02 20.43 -6.31
CA TRP A 84 45.43 20.03 -6.21
C TRP A 84 45.62 18.70 -5.47
N TYR A 85 44.73 18.40 -4.52
CA TYR A 85 44.83 17.14 -3.78
C TYR A 85 44.68 16.00 -4.78
N LEU A 86 44.11 16.33 -5.92
CA LEU A 86 43.86 15.37 -6.98
C LEU A 86 45.16 15.01 -7.67
N PRO A 87 45.54 13.72 -7.64
CA PRO A 87 46.72 13.29 -8.37
C PRO A 87 46.53 13.57 -9.85
N TRP A 88 47.62 13.56 -10.61
CA TRP A 88 47.58 13.90 -12.03
C TRP A 88 47.16 15.37 -12.01
N HIS A 89 47.37 16.05 -10.89
CA HIS A 89 47.13 17.51 -10.92
C HIS A 89 47.68 18.28 -12.15
N HIS A 90 49.01 18.36 -12.15
CA HIS A 90 49.73 19.15 -13.15
C HIS A 90 49.35 19.12 -14.63
N HIS A 91 48.88 17.96 -15.08
CA HIS A 91 48.23 17.86 -16.38
C HIS A 91 47.11 18.90 -16.46
N VAL A 92 46.19 18.84 -15.50
CA VAL A 92 44.94 19.58 -15.55
C VAL A 92 44.91 20.90 -14.79
N ALA A 93 46.04 21.28 -14.20
CA ALA A 93 46.09 22.40 -13.26
C ALA A 93 45.34 23.64 -13.73
N ALA A 94 45.46 23.95 -15.03
CA ALA A 94 44.78 25.11 -15.58
C ALA A 94 43.27 24.90 -15.71
N GLY A 95 42.84 23.64 -15.71
CA GLY A 95 41.46 23.29 -15.97
C GLY A 95 40.44 23.75 -14.94
N PHE A 96 39.16 23.56 -15.27
CA PHE A 96 38.07 23.99 -14.40
C PHE A 96 36.92 22.98 -14.28
N VAL A 97 36.29 22.97 -13.11
CA VAL A 97 35.01 22.31 -12.92
C VAL A 97 33.93 23.36 -13.08
N LEU A 98 33.02 23.12 -14.02
CA LEU A 98 31.91 24.03 -14.24
C LEU A 98 30.68 23.56 -13.49
N ARG A 99 30.15 24.42 -12.62
CA ARG A 99 28.93 24.09 -11.90
C ARG A 99 27.96 25.27 -11.88
N GLN A 100 26.75 25.05 -12.37
CA GLN A 100 25.79 26.14 -12.54
C GLN A 100 25.11 26.59 -11.26
N CYS A 101 24.89 27.89 -11.17
CA CYS A 101 24.17 28.50 -10.05
C CYS A 101 22.70 28.66 -10.40
N GLY A 102 21.82 28.46 -9.42
CA GLY A 102 20.38 28.53 -9.66
C GLY A 102 19.86 29.94 -9.86
N SER A 103 18.61 30.04 -10.30
CA SER A 103 17.97 31.32 -10.55
C SER A 103 17.91 32.00 -9.20
N ASP A 104 17.35 31.28 -8.25
CA ASP A 104 17.30 31.69 -6.85
C ASP A 104 18.67 32.19 -6.35
N GLY A 105 19.71 31.46 -6.77
CA GLY A 105 21.03 31.64 -6.20
C GLY A 105 21.24 30.39 -5.37
N GLN A 106 20.44 29.36 -5.63
CA GLN A 106 20.67 28.04 -5.05
C GLN A 106 21.62 27.20 -5.92
N TRP A 107 22.60 26.55 -5.30
CA TRP A 107 23.54 25.71 -6.03
C TRP A 107 22.85 24.59 -6.82
N GLY A 108 23.20 24.47 -8.09
CA GLY A 108 22.58 23.52 -8.99
C GLY A 108 22.80 22.06 -8.61
N LEU A 109 22.10 21.16 -9.30
CA LEU A 109 22.14 19.73 -8.96
C LEU A 109 23.44 19.01 -9.34
N TRP A 110 23.92 19.21 -10.56
CA TRP A 110 25.08 18.47 -11.07
C TRP A 110 26.38 19.21 -11.40
N ARG A 111 27.52 18.54 -11.23
CA ARG A 111 28.81 19.04 -11.72
C ARG A 111 29.39 18.58 -13.03
N ASP A 112 30.28 19.48 -13.67
CA ASP A 112 30.82 19.11 -14.98
C ASP A 112 32.29 18.87 -14.68
N HIS A 113 32.65 17.60 -14.58
CA HIS A 113 34.02 17.23 -14.29
C HIS A 113 34.70 16.69 -15.55
N THR A 114 35.53 17.50 -16.18
CA THR A 114 36.44 16.97 -17.19
C THR A 114 37.87 17.46 -17.08
N GLN A 115 38.09 18.72 -17.45
CA GLN A 115 39.44 19.21 -17.66
C GLN A 115 40.28 18.92 -16.43
N CYS A 116 39.64 18.72 -15.31
CA CYS A 116 40.26 18.32 -14.06
C CYS A 116 40.62 16.83 -14.02
N GLU A 117 39.91 15.98 -14.77
CA GLU A 117 40.31 14.58 -14.83
C GLU A 117 40.38 14.04 -16.25
N ASN A 118 41.59 13.82 -16.75
CA ASN A 118 41.83 12.96 -17.92
C ASN A 118 43.19 12.24 -17.93
N PRO A 119 43.36 11.20 -17.10
CA PRO A 119 44.66 10.51 -17.05
C PRO A 119 45.05 9.77 -18.34
N GLU A 120 44.10 9.06 -18.95
CA GLU A 120 44.38 8.23 -20.12
C GLU A 120 45.77 7.60 -20.11
N THR B 29 -47.44 -17.10 -2.67
CA THR B 29 -46.04 -16.88 -3.01
C THR B 29 -45.57 -15.45 -2.69
N ALA B 30 -44.37 -15.12 -3.15
CA ALA B 30 -43.78 -13.80 -2.91
C ALA B 30 -44.70 -12.68 -3.40
N GLY B 31 -45.28 -12.87 -4.58
CA GLY B 31 -46.16 -11.87 -5.16
C GLY B 31 -47.31 -11.49 -4.24
N GLU B 32 -48.08 -12.49 -3.83
CA GLU B 32 -49.19 -12.26 -2.92
C GLU B 32 -48.73 -11.56 -1.65
N LEU B 33 -47.56 -11.94 -1.14
CA LEU B 33 -46.98 -11.27 0.01
C LEU B 33 -46.84 -9.78 -0.27
N TYR B 34 -46.14 -9.45 -1.35
CA TYR B 34 -45.91 -8.07 -1.74
C TYR B 34 -47.29 -7.41 -1.82
N GLN B 35 -48.12 -8.01 -2.58
CA GLN B 35 -49.46 -7.48 -2.71
C GLN B 35 -50.04 -7.07 -1.35
N ARG B 36 -50.12 -8.02 -0.44
CA ARG B 36 -50.50 -7.71 0.93
C ARG B 36 -49.70 -6.62 1.62
N TRP B 37 -48.52 -6.30 1.06
CA TRP B 37 -47.72 -5.19 1.57
C TRP B 37 -48.31 -3.85 1.21
N GLU B 38 -48.41 -3.58 -0.08
CA GLU B 38 -48.85 -2.30 -0.61
C GLU B 38 -50.25 -1.99 -0.10
N ARG B 39 -51.07 -3.03 0.03
CA ARG B 39 -52.42 -2.85 0.53
C ARG B 39 -52.34 -2.23 1.92
N TYR B 40 -51.37 -2.68 2.72
CA TYR B 40 -51.17 -2.13 4.06
C TYR B 40 -50.75 -0.65 4.06
N ARG B 41 -49.84 -0.28 3.16
CA ARG B 41 -49.32 1.09 3.12
C ARG B 41 -50.41 2.11 2.79
N ARG B 42 -51.26 1.76 1.84
CA ARG B 42 -52.46 2.54 1.48
C ARG B 42 -53.33 2.66 2.73
N GLU B 43 -53.72 1.52 3.32
CA GLU B 43 -54.61 1.58 4.48
C GLU B 43 -54.21 2.75 5.39
N CYS B 44 -52.95 2.69 5.84
CA CYS B 44 -52.35 3.79 6.60
C CYS B 44 -52.50 5.21 6.03
N GLN B 45 -51.92 5.44 4.85
CA GLN B 45 -51.97 6.76 4.22
C GLN B 45 -53.37 7.36 4.27
N GLU B 46 -54.31 6.66 3.63
CA GLU B 46 -55.69 7.09 3.52
C GLU B 46 -56.18 7.55 4.87
N THR B 47 -55.81 6.99 5.87
CA THR B 47 -56.31 7.29 7.21
C THR B 47 -55.83 8.56 7.93
N LEU B 48 -54.51 8.70 8.11
CA LEU B 48 -54.02 9.88 8.83
C LEU B 48 -53.99 11.23 8.09
N ALA B 49 -54.00 11.13 6.77
CA ALA B 49 -53.94 12.34 5.96
C ALA B 49 -55.23 13.07 6.29
N ALA B 50 -56.36 12.37 6.21
CA ALA B 50 -57.64 12.94 6.57
C ALA B 50 -57.78 13.08 8.09
N ALA B 51 -56.75 12.49 8.97
CA ALA B 51 -56.75 12.56 10.43
C ALA B 51 -56.27 13.91 10.94
N GLU B 52 -56.77 14.31 12.11
CA GLU B 52 -56.46 15.62 12.68
C GLU B 52 -55.43 15.57 13.82
N PRO B 53 -54.43 16.45 13.76
CA PRO B 53 -53.30 16.48 14.72
C PRO B 53 -53.78 16.71 16.16
N PRO B 54 -52.84 16.75 17.12
CA PRO B 54 -53.30 16.95 18.50
C PRO B 54 -53.70 18.40 18.68
N SER B 55 -54.22 18.76 19.86
CA SER B 55 -54.50 20.15 20.15
C SER B 55 -53.29 20.76 20.85
N GLY B 56 -52.38 19.89 21.29
CA GLY B 56 -51.19 20.29 22.02
C GLY B 56 -50.02 19.69 21.27
N LEU B 57 -48.83 20.26 21.45
CA LEU B 57 -47.72 19.85 20.63
C LEU B 57 -47.47 18.36 20.79
N ALA B 58 -47.29 17.70 19.65
CA ALA B 58 -47.01 16.27 19.59
C ALA B 58 -46.30 15.87 18.30
N CYS B 59 -45.71 14.68 18.32
CA CYS B 59 -45.01 14.17 17.15
C CYS B 59 -45.83 13.97 15.88
N ASN B 60 -45.24 14.30 14.75
CA ASN B 60 -45.93 14.07 13.46
C ASN B 60 -46.33 12.71 12.96
N GLY B 61 -47.58 12.54 12.50
CA GLY B 61 -48.02 11.25 12.03
C GLY B 61 -47.25 11.10 10.74
N SER B 62 -46.64 9.94 10.54
CA SER B 62 -45.91 9.65 9.32
C SER B 62 -45.85 8.14 9.10
N PHE B 63 -45.60 7.72 7.86
CA PHE B 63 -45.48 6.29 7.59
C PHE B 63 -44.01 5.85 7.68
N ASP B 64 -43.75 4.85 8.52
CA ASP B 64 -42.38 4.41 8.73
C ASP B 64 -41.96 3.32 7.76
N MET B 65 -42.85 2.97 6.82
CA MET B 65 -42.55 1.97 5.80
C MET B 65 -42.57 0.58 6.42
N TYR B 66 -42.79 0.40 7.74
CA TYR B 66 -42.81 -0.85 8.48
C TYR B 66 -44.08 -0.93 9.34
N VAL B 67 -44.21 0.01 10.28
CA VAL B 67 -45.45 0.13 11.05
C VAL B 67 -46.25 1.33 10.53
N CYS B 68 -47.42 1.61 11.02
CA CYS B 68 -48.21 2.79 10.75
C CYS B 68 -48.96 3.17 12.02
N TRP B 69 -48.70 4.38 12.52
CA TRP B 69 -49.37 4.83 13.72
C TRP B 69 -49.77 6.29 13.71
N ASP B 70 -50.37 6.70 14.83
CA ASP B 70 -50.95 8.02 14.97
C ASP B 70 -49.99 9.02 15.62
N TYR B 71 -50.44 10.26 15.77
CA TYR B 71 -49.67 11.27 16.47
C TYR B 71 -49.57 10.81 17.92
N ALA B 72 -48.41 10.98 18.53
CA ALA B 72 -48.20 10.51 19.90
C ALA B 72 -48.12 11.67 20.88
N ALA B 73 -48.67 11.47 22.07
CA ALA B 73 -48.60 12.47 23.13
C ALA B 73 -47.17 12.55 23.65
N PRO B 74 -46.73 13.77 23.99
CA PRO B 74 -45.35 14.02 24.47
C PRO B 74 -45.05 13.36 25.81
N ASN B 75 -43.86 12.75 25.90
CA ASN B 75 -43.39 12.16 27.15
C ASN B 75 -44.34 11.10 27.69
N ALA B 76 -45.14 10.52 26.80
CA ALA B 76 -46.01 9.42 27.15
C ALA B 76 -45.69 8.29 26.20
N THR B 77 -46.01 7.05 26.58
CA THR B 77 -45.74 5.92 25.70
C THR B 77 -46.96 5.55 24.87
N ALA B 78 -46.74 5.37 23.58
CA ALA B 78 -47.80 5.15 22.61
C ALA B 78 -47.60 3.84 21.87
N ARG B 79 -48.64 3.37 21.21
CA ARG B 79 -48.69 2.01 20.70
C ARG B 79 -49.07 1.96 19.24
N ALA B 80 -48.76 0.84 18.60
CA ALA B 80 -49.27 0.52 17.28
C ALA B 80 -49.55 -0.98 17.18
N SER B 81 -50.69 -1.31 16.59
CA SER B 81 -51.06 -2.71 16.40
C SER B 81 -50.07 -3.41 15.49
N CYS B 82 -49.90 -4.72 15.68
CA CYS B 82 -49.03 -5.48 14.80
C CYS B 82 -49.70 -5.72 13.45
N PRO B 83 -48.93 -5.59 12.37
CA PRO B 83 -49.37 -5.62 10.97
C PRO B 83 -49.77 -7.00 10.47
N TRP B 84 -50.74 -7.00 9.55
CA TRP B 84 -51.26 -8.24 8.97
C TRP B 84 -50.34 -8.79 7.88
N TYR B 85 -49.73 -7.91 7.09
CA TYR B 85 -49.11 -8.30 5.82
C TYR B 85 -48.17 -9.49 5.62
N LEU B 86 -47.20 -9.66 6.52
CA LEU B 86 -46.40 -10.91 6.46
C LEU B 86 -47.21 -12.12 6.85
N PRO B 87 -46.81 -13.32 6.43
CA PRO B 87 -47.47 -14.48 7.06
C PRO B 87 -47.41 -14.60 8.58
N TRP B 88 -47.93 -15.68 9.14
CA TRP B 88 -48.00 -15.81 10.60
C TRP B 88 -48.61 -14.59 11.30
N HIS B 89 -49.63 -13.97 10.68
CA HIS B 89 -50.27 -12.82 11.31
C HIS B 89 -50.84 -13.17 12.68
N HIS B 90 -51.39 -14.37 12.77
CA HIS B 90 -52.06 -14.86 13.98
C HIS B 90 -51.25 -14.58 15.23
N HIS B 91 -50.04 -15.13 15.26
CA HIS B 91 -49.22 -15.22 16.46
C HIS B 91 -49.19 -13.93 17.29
N VAL B 92 -48.93 -12.80 16.64
CA VAL B 92 -48.71 -11.54 17.36
C VAL B 92 -49.91 -10.58 17.46
N ALA B 93 -51.09 -11.01 17.00
CA ALA B 93 -52.20 -10.09 16.77
C ALA B 93 -52.45 -9.09 17.89
N ALA B 94 -52.37 -9.54 19.14
CA ALA B 94 -52.54 -8.64 20.28
C ALA B 94 -51.30 -7.79 20.47
N GLY B 95 -50.19 -8.27 19.90
CA GLY B 95 -48.90 -7.62 20.04
C GLY B 95 -48.83 -6.25 19.40
N PHE B 96 -47.92 -5.42 19.88
CA PHE B 96 -47.82 -4.03 19.45
C PHE B 96 -46.39 -3.56 19.23
N VAL B 97 -46.70 -2.32 19.26
CA VAL B 97 -45.38 -1.71 19.14
C VAL B 97 -45.12 -0.76 20.29
N LEU B 98 -43.85 -0.50 20.58
CA LEU B 98 -43.49 0.55 21.53
C LEU B 98 -42.53 1.54 20.89
N ARG B 99 -42.72 2.81 21.23
CA ARG B 99 -41.97 3.91 20.67
C ARG B 99 -42.71 5.09 21.27
N GLN B 100 -42.08 6.26 21.30
CA GLN B 100 -42.66 7.48 21.88
C GLN B 100 -42.07 8.77 21.33
N CYS B 101 -42.77 9.88 21.53
CA CYS B 101 -42.36 11.21 21.04
C CYS B 101 -41.05 11.83 21.59
N GLY B 102 -40.79 11.69 22.88
CA GLY B 102 -39.63 12.33 23.50
C GLY B 102 -39.91 13.70 24.10
N SER B 103 -38.89 14.35 24.67
CA SER B 103 -39.09 15.58 25.41
C SER B 103 -39.25 16.84 24.49
N ASP B 104 -38.75 16.70 23.27
CA ASP B 104 -38.73 17.78 22.29
C ASP B 104 -39.90 17.69 21.31
N GLY B 105 -40.72 16.66 21.48
CA GLY B 105 -41.80 16.39 20.54
C GLY B 105 -41.35 16.35 19.08
N GLN B 106 -40.10 15.93 18.90
CA GLN B 106 -39.43 15.94 17.60
C GLN B 106 -39.22 14.60 16.97
N TRP B 107 -38.60 14.53 15.80
CA TRP B 107 -38.41 13.27 15.11
C TRP B 107 -37.32 12.33 15.54
N GLY B 108 -37.47 11.78 16.76
CA GLY B 108 -36.38 11.07 17.41
C GLY B 108 -36.38 9.59 17.73
N LEU B 109 -37.25 8.78 17.10
CA LEU B 109 -37.45 7.41 17.59
C LEU B 109 -36.96 6.24 16.74
N TRP B 110 -36.22 5.33 17.40
CA TRP B 110 -35.91 3.99 16.89
C TRP B 110 -36.86 2.95 17.38
N ARG B 111 -36.95 1.80 16.71
CA ARG B 111 -38.00 0.84 17.08
C ARG B 111 -37.46 -0.54 17.43
N ASP B 112 -38.27 -1.31 18.16
CA ASP B 112 -37.92 -2.66 18.60
C ASP B 112 -39.15 -3.55 18.61
N HIS B 113 -39.05 -4.75 18.05
CA HIS B 113 -40.15 -5.70 18.23
C HIS B 113 -39.73 -7.02 18.89
N THR B 114 -40.08 -7.17 20.16
CA THR B 114 -40.06 -8.46 20.83
C THR B 114 -41.36 -9.23 20.62
N GLN B 115 -42.48 -8.51 20.68
CA GLN B 115 -43.80 -9.13 20.53
C GLN B 115 -44.24 -9.24 19.07
N CYS B 116 -43.61 -8.47 18.18
CA CYS B 116 -43.99 -8.49 16.77
C CYS B 116 -43.17 -9.48 15.96
N GLU B 117 -42.31 -10.21 16.68
CA GLU B 117 -41.53 -11.30 16.09
C GLU B 117 -42.30 -12.62 16.06
N ASN B 118 -41.58 -13.69 15.83
CA ASN B 118 -42.21 -14.97 15.52
C ASN B 118 -42.19 -16.03 16.61
N PRO B 119 -42.80 -17.20 16.34
CA PRO B 119 -42.85 -18.29 17.30
C PRO B 119 -41.79 -18.19 18.40
N GLN C 3 23.89 6.68 -4.99
CA GLN C 3 23.50 7.13 -6.32
C GLN C 3 23.93 6.12 -7.38
N LEU C 4 24.40 4.95 -6.93
CA LEU C 4 24.93 3.94 -7.82
C LEU C 4 24.12 2.65 -7.73
N GLN C 5 23.79 2.07 -8.86
CA GLN C 5 22.98 0.85 -8.87
C GLN C 5 23.88 -0.39 -8.83
N GLN C 6 23.77 -1.16 -7.76
CA GLN C 6 24.60 -2.35 -7.60
C GLN C 6 23.97 -3.58 -8.26
N SER C 7 24.66 -4.70 -8.20
CA SER C 7 24.35 -5.86 -9.05
C SER C 7 23.10 -6.64 -8.67
N GLY C 8 22.79 -6.70 -7.38
CA GLY C 8 21.67 -7.50 -6.93
C GLY C 8 22.12 -8.75 -6.20
N ALA C 9 21.22 -9.33 -5.41
CA ALA C 9 21.58 -10.37 -4.44
C ALA C 9 22.28 -11.58 -5.05
N GLU C 10 23.13 -12.21 -4.24
CA GLU C 10 23.86 -13.41 -4.64
C GLU C 10 23.80 -14.48 -3.55
N VAL C 11 23.62 -15.73 -3.97
CA VAL C 11 23.72 -16.87 -3.06
C VAL C 11 24.84 -17.79 -3.54
N LYS C 12 25.77 -18.10 -2.65
CA LYS C 12 26.96 -18.87 -3.03
C LYS C 12 27.36 -19.85 -1.94
N LYS C 13 27.99 -20.96 -2.33
CA LYS C 13 28.50 -21.94 -1.37
C LYS C 13 29.91 -21.55 -0.93
N PRO C 14 30.29 -21.91 0.30
CA PRO C 14 31.61 -21.56 0.84
C PRO C 14 32.74 -22.11 -0.02
N GLY C 15 33.90 -21.45 0.00
CA GLY C 15 35.02 -21.86 -0.81
C GLY C 15 34.88 -21.42 -2.26
N SER C 16 33.80 -20.68 -2.53
CA SER C 16 33.54 -20.19 -3.89
C SER C 16 33.89 -18.71 -4.05
N SER C 17 33.64 -18.17 -5.23
CA SER C 17 33.98 -16.79 -5.54
C SER C 17 32.79 -16.01 -6.09
N VAL C 18 32.62 -14.78 -5.62
CA VAL C 18 31.54 -13.94 -6.14
C VAL C 18 32.04 -12.57 -6.57
N LYS C 19 31.56 -12.12 -7.73
CA LYS C 19 31.92 -10.80 -8.22
C LYS C 19 30.66 -9.94 -8.37
N VAL C 20 30.54 -8.93 -7.51
CA VAL C 20 29.39 -8.04 -7.53
C VAL C 20 29.75 -6.71 -8.18
N SER C 21 28.81 -6.13 -8.91
CA SER C 21 29.09 -4.92 -9.68
C SER C 21 28.53 -3.66 -9.01
N CYS C 22 29.27 -2.57 -9.13
CA CYS C 22 28.76 -1.24 -8.78
C CYS C 22 28.70 -0.39 -10.03
N LYS C 23 27.50 -0.10 -10.51
CA LYS C 23 27.33 0.59 -11.78
C LYS C 23 27.07 2.09 -11.60
N ALA C 24 28.01 2.90 -12.05
CA ALA C 24 27.95 4.34 -11.84
C ALA C 24 27.32 5.11 -12.99
N SER C 25 27.41 6.43 -12.91
CA SER C 25 26.90 7.31 -13.95
C SER C 25 27.70 7.18 -15.24
N GLY C 26 26.99 7.12 -16.36
CA GLY C 26 27.61 6.96 -17.66
C GLY C 26 28.76 7.92 -17.87
N GLY C 27 28.55 9.16 -17.42
CA GLY C 27 29.63 10.13 -17.32
C GLY C 27 29.98 10.32 -15.87
N THR C 28 30.91 11.21 -15.58
CA THR C 28 31.30 11.50 -14.20
C THR C 28 31.56 10.21 -13.44
N PHE C 29 32.62 9.51 -13.80
CA PHE C 29 32.95 8.21 -13.21
C PHE C 29 34.40 8.14 -12.75
N SER C 30 35.30 8.25 -13.72
CA SER C 30 36.74 8.05 -13.52
C SER C 30 37.34 8.96 -12.45
N SER C 31 36.65 10.03 -12.11
CA SER C 31 37.23 11.12 -11.33
C SER C 31 37.39 10.83 -9.84
N TYR C 32 36.50 10.02 -9.27
CA TYR C 32 36.42 9.88 -7.82
C TYR C 32 36.75 8.47 -7.35
N ALA C 33 37.10 8.36 -6.08
CA ALA C 33 37.40 7.06 -5.49
C ALA C 33 36.14 6.27 -5.17
N ILE C 34 36.14 5.00 -5.56
CA ILE C 34 35.06 4.09 -5.22
C ILE C 34 35.52 3.15 -4.12
N SER C 35 34.81 3.14 -3.00
CA SER C 35 35.18 2.30 -1.87
C SER C 35 34.11 1.26 -1.54
N TRP C 36 34.54 0.05 -1.18
CA TRP C 36 33.61 -1.01 -0.86
C TRP C 36 33.59 -1.30 0.65
N VAL C 37 32.41 -1.21 1.25
CA VAL C 37 32.24 -1.53 2.65
C VAL C 37 31.18 -2.62 2.80
N ARG C 38 31.39 -3.56 3.71
CA ARG C 38 30.42 -4.64 3.91
C ARG C 38 29.86 -4.66 5.32
N GLN C 39 28.64 -5.17 5.46
CA GLN C 39 28.00 -5.27 6.77
C GLN C 39 27.37 -6.65 6.98
N ALA C 40 27.89 -7.40 7.94
CA ALA C 40 27.28 -8.66 8.34
C ALA C 40 25.97 -8.36 9.02
N PRO C 41 24.92 -9.14 8.74
CA PRO C 41 23.63 -8.82 9.33
C PRO C 41 23.72 -8.70 10.84
N GLY C 42 23.24 -7.59 11.39
CA GLY C 42 23.28 -7.37 12.82
C GLY C 42 24.58 -6.81 13.38
N GLN C 43 25.56 -6.53 12.52
CA GLN C 43 26.84 -6.01 12.98
C GLN C 43 27.28 -4.70 12.32
N GLY C 44 28.44 -4.22 12.73
CA GLY C 44 28.98 -2.96 12.26
C GLY C 44 29.69 -3.04 10.92
N LEU C 45 30.21 -1.89 10.47
CA LEU C 45 30.83 -1.78 9.16
C LEU C 45 32.24 -2.34 9.13
N GLU C 46 32.67 -2.77 7.95
CA GLU C 46 34.03 -3.23 7.74
C GLU C 46 34.53 -2.69 6.40
N TRP C 47 35.64 -1.97 6.41
CA TRP C 47 36.21 -1.45 5.18
C TRP C 47 36.99 -2.54 4.46
N MET C 48 36.89 -2.54 3.14
CA MET C 48 37.57 -3.55 2.33
C MET C 48 38.68 -2.91 1.50
N GLY C 49 38.31 -2.00 0.62
CA GLY C 49 39.29 -1.28 -0.17
C GLY C 49 38.64 -0.29 -1.12
N GLY C 50 39.46 0.48 -1.82
CA GLY C 50 38.93 1.46 -2.76
C GLY C 50 39.89 1.72 -3.90
N ILE C 51 39.33 2.21 -5.01
CA ILE C 51 40.13 2.47 -6.19
C ILE C 51 39.60 3.69 -6.92
N ILE C 52 40.53 4.52 -7.40
CA ILE C 52 40.15 5.54 -8.37
C ILE C 52 40.15 4.82 -9.71
N PRO C 53 38.95 4.64 -10.28
CA PRO C 53 38.70 3.65 -11.34
C PRO C 53 39.74 3.65 -12.45
N THR C 54 40.08 4.84 -12.92
CA THR C 54 40.95 4.98 -14.09
C THR C 54 42.43 5.21 -13.73
N PHE C 55 42.75 5.16 -12.44
CA PHE C 55 44.08 5.54 -11.96
C PHE C 55 44.75 4.51 -11.06
N GLY C 56 45.95 4.07 -11.47
CA GLY C 56 46.77 3.20 -10.65
C GLY C 56 46.18 1.84 -10.30
N THR C 57 46.44 1.39 -9.07
CA THR C 57 45.98 0.09 -8.61
C THR C 57 45.02 0.23 -7.44
N ALA C 58 44.19 -0.78 -7.24
CA ALA C 58 43.23 -0.77 -6.15
C ALA C 58 43.91 -0.76 -4.80
N ASN C 59 43.19 -0.27 -3.79
CA ASN C 59 43.67 -0.28 -2.41
C ASN C 59 42.89 -1.30 -1.60
N TYR C 60 43.52 -1.89 -0.59
CA TYR C 60 42.86 -2.90 0.23
C TYR C 60 43.21 -2.71 1.70
N ALA C 61 42.60 -3.54 2.55
CA ALA C 61 42.87 -3.55 3.98
C ALA C 61 43.49 -4.92 4.13
N GLN C 62 44.25 -5.13 5.19
CA GLN C 62 44.79 -6.46 5.49
C GLN C 62 43.70 -7.44 5.95
N LYS C 63 43.99 -8.73 5.85
CA LYS C 63 43.07 -9.80 6.27
C LYS C 63 42.10 -10.32 5.20
N PHE C 64 42.17 -9.76 3.99
CA PHE C 64 41.38 -10.22 2.85
C PHE C 64 42.29 -10.90 1.84
N GLN C 65 43.44 -11.32 2.32
CA GLN C 65 44.70 -11.36 1.61
C GLN C 65 44.46 -12.39 0.55
N GLY C 66 44.71 -11.97 -0.68
CA GLY C 66 44.40 -12.81 -1.82
C GLY C 66 42.94 -13.22 -1.77
N ARG C 67 42.04 -12.36 -1.30
CA ARG C 67 40.63 -12.75 -1.47
C ARG C 67 39.85 -11.70 -2.28
N VAL C 68 39.98 -10.44 -1.87
CA VAL C 68 39.27 -9.37 -2.56
C VAL C 68 40.11 -8.78 -3.66
N THR C 69 39.51 -8.66 -4.85
CA THR C 69 40.12 -7.93 -5.93
C THR C 69 39.13 -6.86 -6.37
N ILE C 70 39.54 -5.60 -6.26
CA ILE C 70 38.71 -4.50 -6.72
C ILE C 70 39.29 -3.96 -8.01
N THR C 71 38.45 -3.91 -9.04
CA THR C 71 38.88 -3.36 -10.32
C THR C 71 37.79 -2.47 -10.87
N ALA C 72 38.06 -1.85 -12.01
CA ALA C 72 37.09 -0.96 -12.63
C ALA C 72 37.24 -1.03 -14.14
N ASP C 73 36.16 -0.77 -14.85
CA ASP C 73 36.17 -0.81 -16.31
C ASP C 73 35.98 0.58 -16.87
N GLU C 74 36.73 0.91 -17.92
CA GLU C 74 36.61 2.22 -18.56
C GLU C 74 35.18 2.49 -19.02
N SER C 75 34.75 1.74 -20.03
CA SER C 75 33.47 1.96 -20.71
C SER C 75 32.23 1.86 -19.83
N THR C 76 31.90 0.64 -19.39
CA THR C 76 30.62 0.40 -18.73
C THR C 76 30.49 1.31 -17.53
N SER C 77 31.60 1.95 -17.17
CA SER C 77 31.61 2.91 -16.09
C SER C 77 31.12 2.22 -14.82
N THR C 78 31.48 0.95 -14.71
CA THR C 78 31.13 0.13 -13.58
C THR C 78 32.43 -0.32 -12.91
N ALA C 79 32.41 -0.40 -11.59
CA ALA C 79 33.53 -0.98 -10.86
C ALA C 79 33.04 -2.24 -10.15
N TYR C 80 33.60 -3.38 -10.51
CA TYR C 80 33.18 -4.64 -9.91
C TYR C 80 34.14 -4.90 -8.77
N MET C 81 33.90 -5.98 -8.03
CA MET C 81 34.80 -6.43 -7.00
C MET C 81 34.57 -7.92 -6.81
N GLU C 82 35.63 -8.66 -6.51
CA GLU C 82 35.54 -10.11 -6.49
C GLU C 82 36.06 -10.62 -5.15
N LEU C 83 35.38 -11.62 -4.59
CA LEU C 83 35.78 -12.20 -3.32
C LEU C 83 35.89 -13.72 -3.46
N SER C 84 37.07 -14.24 -3.13
CA SER C 84 37.35 -15.67 -3.25
C SER C 84 37.33 -16.38 -1.90
N SER C 85 37.50 -17.70 -1.92
CA SER C 85 37.57 -18.50 -0.70
C SER C 85 36.46 -18.11 0.26
N LEU C 86 35.22 -18.12 -0.23
CA LEU C 86 34.10 -17.57 0.52
C LEU C 86 33.80 -18.27 1.84
N ARG C 87 33.17 -17.54 2.74
CA ARG C 87 33.06 -17.91 4.14
C ARG C 87 31.70 -17.51 4.68
N SER C 88 31.34 -18.06 5.84
CA SER C 88 30.12 -17.65 6.52
C SER C 88 30.30 -16.22 7.03
N GLU C 89 31.49 -15.92 7.51
CA GLU C 89 31.81 -14.58 7.99
C GLU C 89 31.76 -13.57 6.85
N ASP C 90 31.64 -14.08 5.62
CA ASP C 90 31.49 -13.22 4.45
C ASP C 90 30.03 -13.01 4.07
N THR C 91 29.12 -13.68 4.77
CA THR C 91 27.70 -13.45 4.54
C THR C 91 27.40 -12.07 5.07
N ALA C 92 26.91 -11.20 4.19
CA ALA C 92 26.77 -9.82 4.51
C ALA C 92 25.95 -9.05 3.46
N VAL C 93 26.01 -7.76 3.50
CA VAL C 93 25.59 -6.88 2.40
C VAL C 93 26.73 -5.91 2.01
N TYR C 94 26.97 -5.81 0.70
CA TYR C 94 28.13 -5.07 0.20
C TYR C 94 27.73 -3.76 -0.49
N TYR C 95 28.12 -2.64 0.13
CA TYR C 95 27.84 -1.32 -0.41
C TYR C 95 29.06 -0.73 -1.11
N CYS C 96 28.81 0.03 -2.17
CA CYS C 96 29.86 0.80 -2.83
C CYS C 96 29.58 2.29 -2.66
N ALA C 97 30.45 2.97 -1.91
CA ALA C 97 30.32 4.40 -1.67
C ALA C 97 31.34 5.21 -2.47
N GLN C 98 30.83 6.21 -3.18
CA GLN C 98 31.65 7.14 -3.95
C GLN C 98 32.22 8.24 -3.04
N GLY C 99 33.38 8.77 -3.40
CA GLY C 99 34.03 9.79 -2.60
C GLY C 99 35.18 10.47 -3.33
N PRO C 100 35.70 11.55 -2.74
CA PRO C 100 36.76 12.37 -3.35
C PRO C 100 38.06 11.61 -3.56
N ILE C 101 38.51 10.90 -2.53
CA ILE C 101 39.76 10.15 -2.56
C ILE C 101 39.54 8.85 -1.78
N VAL C 102 40.54 7.97 -1.74
CA VAL C 102 40.36 6.63 -1.17
C VAL C 102 40.16 6.62 0.34
N GLY C 103 41.01 7.33 1.08
CA GLY C 103 40.90 7.32 2.52
C GLY C 103 39.80 8.23 3.05
N ALA C 104 39.36 9.16 2.20
CA ALA C 104 38.39 10.16 2.59
C ALA C 104 36.98 9.59 2.80
N PRO C 105 36.13 10.34 3.53
CA PRO C 105 34.75 9.92 3.79
C PRO C 105 33.91 9.90 2.52
N THR C 106 32.77 9.22 2.57
CA THR C 106 31.92 9.05 1.40
C THR C 106 30.48 9.52 1.65
N ASP C 107 30.04 10.50 0.86
CA ASP C 107 28.68 11.03 0.98
C ASP C 107 27.67 10.35 0.07
N TYR C 108 28.16 9.56 -0.89
CA TYR C 108 27.28 8.89 -1.85
C TYR C 108 27.38 7.37 -1.74
N TRP C 109 26.28 6.72 -1.36
CA TRP C 109 26.31 5.26 -1.21
C TRP C 109 25.43 4.57 -2.25
N GLY C 110 25.47 3.24 -2.26
CA GLY C 110 24.59 2.44 -3.09
C GLY C 110 23.56 1.75 -2.21
N LYS C 111 22.65 1.03 -2.84
CA LYS C 111 21.64 0.27 -2.11
C LYS C 111 22.29 -0.91 -1.41
N GLY C 112 23.39 -1.39 -1.98
CA GLY C 112 24.08 -2.54 -1.44
C GLY C 112 23.58 -3.83 -2.08
N THR C 113 24.46 -4.81 -2.19
CA THR C 113 24.08 -6.12 -2.72
C THR C 113 24.36 -7.19 -1.68
N LEU C 114 23.29 -7.89 -1.28
CA LEU C 114 23.41 -8.91 -0.25
C LEU C 114 23.97 -10.21 -0.80
N VAL C 115 25.03 -10.70 -0.17
CA VAL C 115 25.61 -11.99 -0.52
C VAL C 115 25.39 -12.96 0.64
N THR C 116 24.53 -13.94 0.42
CA THR C 116 24.31 -14.98 1.40
C THR C 116 25.19 -16.17 1.05
N VAL C 117 25.83 -16.76 2.04
CA VAL C 117 26.69 -17.92 1.82
C VAL C 117 26.35 -19.07 2.74
N SER C 118 25.85 -20.17 2.16
CA SER C 118 25.71 -21.41 2.89
C SER C 118 25.68 -22.62 1.96
N SER C 119 26.00 -23.78 2.52
CA SER C 119 26.06 -25.02 1.76
C SER C 119 24.66 -25.55 1.45
N ALA C 120 23.65 -24.94 2.08
CA ALA C 120 22.26 -25.33 1.87
C ALA C 120 21.88 -25.33 0.39
N SER C 121 21.18 -26.38 -0.03
CA SER C 121 20.72 -26.50 -1.41
C SER C 121 19.47 -25.67 -1.63
N THR C 122 19.24 -25.25 -2.88
CA THR C 122 18.02 -24.55 -3.23
C THR C 122 16.82 -25.46 -3.01
N LYS C 123 15.86 -25.01 -2.21
CA LYS C 123 14.71 -25.84 -1.86
C LYS C 123 13.45 -25.03 -1.59
N GLY C 124 12.30 -25.59 -1.98
CA GLY C 124 11.01 -24.98 -1.72
C GLY C 124 10.45 -25.41 -0.38
N PRO C 125 9.43 -24.68 0.11
CA PRO C 125 8.88 -24.94 1.44
C PRO C 125 7.74 -25.95 1.42
N SER C 126 7.22 -26.27 2.59
CA SER C 126 5.94 -26.99 2.68
C SER C 126 5.04 -26.23 3.64
N VAL C 127 3.77 -26.05 3.27
CA VAL C 127 2.87 -25.25 4.11
C VAL C 127 1.92 -26.13 4.92
N PHE C 128 1.68 -25.74 6.17
CA PHE C 128 0.72 -26.44 7.00
C PHE C 128 -0.28 -25.45 7.60
N PRO C 129 -1.55 -25.84 7.62
CA PRO C 129 -2.57 -24.97 8.22
C PRO C 129 -2.40 -24.89 9.73
N LEU C 130 -2.40 -23.66 10.25
CA LEU C 130 -2.38 -23.45 11.69
C LEU C 130 -3.79 -23.26 12.22
N ALA C 131 -3.88 -22.84 13.47
CA ALA C 131 -5.15 -22.52 14.06
C ALA C 131 -6.13 -23.68 13.98
N PRO C 132 -5.89 -24.72 14.79
CA PRO C 132 -7.10 -25.47 15.12
C PRO C 132 -8.10 -24.43 15.64
N SER C 133 -7.56 -23.29 16.06
CA SER C 133 -8.36 -22.11 16.40
C SER C 133 -9.18 -22.30 17.66
N GLY C 140 -10.92 -12.02 22.47
CA GLY C 140 -11.64 -13.23 22.10
C GLY C 140 -11.81 -13.39 20.61
N THR C 141 -10.98 -12.68 19.86
CA THR C 141 -11.05 -12.70 18.40
C THR C 141 -10.43 -13.99 17.86
N ALA C 142 -10.29 -14.07 16.54
CA ALA C 142 -9.75 -15.28 15.92
C ALA C 142 -8.35 -15.07 15.34
N ALA C 143 -7.47 -16.03 15.60
CA ALA C 143 -6.11 -15.97 15.05
C ALA C 143 -5.81 -17.24 14.29
N LEU C 144 -5.63 -17.11 12.97
CA LEU C 144 -5.28 -18.27 12.16
C LEU C 144 -4.09 -17.96 11.27
N GLY C 145 -3.64 -18.94 10.49
CA GLY C 145 -2.50 -18.70 9.62
C GLY C 145 -1.80 -19.96 9.14
N CYS C 146 -0.71 -19.77 8.39
CA CYS C 146 0.00 -20.89 7.79
C CYS C 146 1.48 -20.98 8.17
N LEU C 147 1.93 -22.17 8.52
CA LEU C 147 3.34 -22.40 8.81
C LEU C 147 4.06 -22.79 7.53
N VAL C 148 5.08 -22.00 7.18
CA VAL C 148 5.90 -22.29 6.01
C VAL C 148 7.21 -22.91 6.47
N LYS C 149 7.38 -24.19 6.19
CA LYS C 149 8.47 -24.96 6.79
C LYS C 149 9.56 -25.38 5.82
N ASP C 150 10.80 -25.22 6.28
CA ASP C 150 12.00 -25.80 5.68
C ASP C 150 12.27 -25.45 4.21
N TYR C 151 12.65 -24.21 3.96
CA TYR C 151 12.95 -23.74 2.60
C TYR C 151 14.27 -22.98 2.57
N PHE C 152 14.76 -22.69 1.37
CA PHE C 152 16.01 -21.98 1.17
C PHE C 152 16.24 -21.76 -0.32
N PRO C 153 16.72 -20.58 -0.69
CA PRO C 153 17.02 -19.48 0.22
C PRO C 153 15.81 -18.57 0.44
N GLU C 154 15.98 -17.54 1.26
CA GLU C 154 14.95 -16.52 1.42
C GLU C 154 14.86 -15.68 0.15
N PRO C 155 13.79 -14.90 0.01
CA PRO C 155 12.62 -14.82 0.88
C PRO C 155 11.46 -15.70 0.41
N VAL C 156 10.34 -15.62 1.13
CA VAL C 156 9.06 -16.15 0.64
C VAL C 156 7.99 -15.11 0.87
N THR C 157 7.17 -14.87 -0.16
CA THR C 157 6.08 -13.91 -0.05
C THR C 157 4.79 -14.63 0.33
N VAL C 158 4.15 -14.18 1.40
CA VAL C 158 2.92 -14.80 1.86
C VAL C 158 1.72 -13.86 1.70
N SER C 159 0.67 -14.37 1.08
CA SER C 159 -0.53 -13.60 0.79
C SER C 159 -1.75 -14.29 1.38
N TRP C 160 -2.86 -13.57 1.48
CA TRP C 160 -4.11 -14.14 1.96
C TRP C 160 -5.26 -13.92 0.98
N ASN C 161 -5.89 -15.02 0.59
CA ASN C 161 -7.06 -15.01 -0.29
C ASN C 161 -6.84 -14.43 -1.68
N SER C 162 -5.78 -14.86 -2.35
CA SER C 162 -5.46 -14.35 -3.68
C SER C 162 -5.24 -12.84 -3.58
N GLY C 163 -4.87 -12.40 -2.39
CA GLY C 163 -4.77 -10.99 -2.09
C GLY C 163 -6.07 -10.50 -1.47
N ALA C 164 -6.14 -9.20 -1.22
CA ALA C 164 -7.35 -8.58 -0.66
C ALA C 164 -7.73 -9.09 0.74
N LEU C 165 -6.77 -9.66 1.46
CA LEU C 165 -6.91 -9.88 2.90
C LEU C 165 -5.61 -9.50 3.61
N THR C 166 -5.66 -8.44 4.40
CA THR C 166 -4.47 -7.86 5.01
C THR C 166 -4.74 -7.49 6.47
N SER C 167 -5.80 -6.70 6.68
CA SER C 167 -6.07 -6.16 7.99
C SER C 167 -5.85 -7.36 8.88
N GLY C 168 -5.03 -7.17 9.91
CA GLY C 168 -4.64 -8.24 10.80
C GLY C 168 -3.64 -9.25 10.27
N VAL C 169 -2.87 -8.89 9.24
CA VAL C 169 -1.85 -9.79 8.72
C VAL C 169 -0.47 -9.49 9.26
N HIS C 170 0.06 -10.41 10.05
CA HIS C 170 1.44 -10.32 10.50
C HIS C 170 2.22 -11.48 9.90
N THR C 171 3.31 -11.17 9.21
CA THR C 171 4.21 -12.19 8.73
C THR C 171 5.50 -12.13 9.52
N PHE C 172 5.86 -13.22 10.17
CA PHE C 172 7.02 -13.25 11.05
C PHE C 172 8.29 -13.60 10.29
N PRO C 173 9.36 -12.82 10.51
CA PRO C 173 10.64 -13.05 9.84
C PRO C 173 11.09 -14.49 10.04
N ALA C 174 11.75 -15.04 9.03
CA ALA C 174 12.14 -16.45 9.06
C ALA C 174 13.17 -16.74 10.15
N VAL C 175 13.02 -17.91 10.77
CA VAL C 175 14.04 -18.43 11.66
C VAL C 175 15.01 -19.24 10.84
N LEU C 176 16.29 -19.12 11.14
CA LEU C 176 17.25 -20.06 10.59
C LEU C 176 17.58 -21.05 11.69
N GLN C 177 17.00 -22.24 11.56
CA GLN C 177 17.32 -23.36 12.43
C GLN C 177 18.48 -24.00 11.70
N SER C 178 19.46 -24.55 12.40
CA SER C 178 20.59 -24.94 11.60
C SER C 178 20.33 -26.34 11.11
N SER C 179 19.63 -26.40 9.99
CA SER C 179 19.78 -27.43 8.97
C SER C 179 20.42 -26.69 7.82
N GLY C 180 20.55 -25.37 8.00
CA GLY C 180 20.79 -24.44 6.92
C GLY C 180 19.49 -23.89 6.37
N LEU C 181 18.38 -24.44 6.86
CA LEU C 181 17.05 -24.16 6.33
C LEU C 181 16.27 -23.06 7.08
N TYR C 182 15.51 -22.27 6.34
CA TYR C 182 14.67 -21.22 6.91
C TYR C 182 13.23 -21.66 7.11
N SER C 183 12.59 -21.19 8.18
CA SER C 183 11.17 -21.46 8.41
C SER C 183 10.43 -20.28 9.01
N LEU C 184 9.27 -19.94 8.45
CA LEU C 184 8.45 -18.85 8.99
C LEU C 184 6.98 -19.23 9.07
N SER C 185 6.17 -18.31 9.60
CA SER C 185 4.74 -18.51 9.69
C SER C 185 4.03 -17.16 9.61
N SER C 186 2.81 -17.16 9.07
CA SER C 186 2.04 -15.93 8.98
C SER C 186 0.67 -16.09 9.63
N VAL C 187 0.22 -15.02 10.28
CA VAL C 187 -1.04 -15.05 11.03
C VAL C 187 -1.96 -13.91 10.62
N VAL C 188 -3.17 -14.26 10.19
CA VAL C 188 -4.25 -13.31 10.08
C VAL C 188 -5.05 -13.28 11.37
N THR C 189 -5.33 -12.07 11.84
CA THR C 189 -6.22 -11.86 12.97
C THR C 189 -7.56 -11.38 12.42
N VAL C 190 -8.65 -11.80 13.05
CA VAL C 190 -9.96 -11.65 12.44
C VAL C 190 -11.10 -11.70 13.44
N PRO C 191 -12.33 -11.44 12.94
CA PRO C 191 -13.52 -11.76 13.73
C PRO C 191 -13.74 -13.25 13.64
N SER C 192 -14.35 -13.85 14.66
CA SER C 192 -14.50 -15.30 14.70
C SER C 192 -15.28 -15.82 13.50
N SER C 193 -15.91 -14.90 12.76
CA SER C 193 -16.78 -15.27 11.65
C SER C 193 -16.05 -15.14 10.31
N THR C 197 -17.36 -19.07 8.48
CA THR C 197 -18.20 -19.23 7.30
C THR C 197 -17.47 -18.73 6.04
N GLN C 198 -16.60 -17.75 6.23
CA GLN C 198 -15.76 -17.26 5.13
C GLN C 198 -14.52 -18.13 5.05
N THR C 199 -14.24 -18.67 3.86
CA THR C 199 -13.10 -19.57 3.69
C THR C 199 -11.80 -18.79 3.53
N TYR C 200 -10.80 -19.15 4.33
CA TYR C 200 -9.51 -18.45 4.33
C TYR C 200 -8.41 -19.35 3.76
N ILE C 201 -7.68 -18.83 2.77
CA ILE C 201 -6.62 -19.62 2.14
C ILE C 201 -5.35 -18.78 1.97
N CYS C 202 -4.23 -19.32 2.42
CA CYS C 202 -2.95 -18.61 2.34
C CYS C 202 -2.20 -19.00 1.07
N ASN C 203 -1.82 -17.99 0.30
CA ASN C 203 -1.06 -18.22 -0.92
C ASN C 203 0.40 -17.87 -0.69
N VAL C 204 1.25 -18.88 -0.63
CA VAL C 204 2.67 -18.66 -0.38
C VAL C 204 3.50 -18.86 -1.64
N ASN C 205 4.57 -18.09 -1.74
CA ASN C 205 5.44 -18.11 -2.91
C ASN C 205 6.91 -18.11 -2.54
N HIS C 206 7.66 -19.04 -3.12
CA HIS C 206 9.11 -19.02 -3.04
C HIS C 206 9.63 -19.09 -4.47
N LYS C 207 10.19 -18.00 -4.96
CA LYS C 207 10.62 -17.92 -6.35
C LYS C 207 11.82 -18.81 -6.68
N PRO C 208 12.87 -18.77 -5.84
CA PRO C 208 14.10 -19.50 -6.14
C PRO C 208 13.86 -20.95 -6.56
N SER C 209 12.96 -21.64 -5.87
CA SER C 209 12.64 -23.02 -6.24
C SER C 209 11.39 -23.08 -7.11
N ASN C 210 10.81 -21.90 -7.37
CA ASN C 210 9.60 -21.81 -8.17
C ASN C 210 8.46 -22.63 -7.58
N THR C 211 8.27 -22.48 -6.26
CA THR C 211 7.24 -23.23 -5.55
C THR C 211 6.17 -22.31 -4.97
N LYS C 212 4.95 -22.42 -5.50
CA LYS C 212 3.82 -21.69 -4.96
C LYS C 212 2.77 -22.66 -4.42
N VAL C 213 2.18 -22.32 -3.28
CA VAL C 213 1.17 -23.19 -2.67
C VAL C 213 -0.04 -22.38 -2.21
N ASP C 214 -1.22 -22.97 -2.32
CA ASP C 214 -2.42 -22.40 -1.74
C ASP C 214 -2.92 -23.52 -0.84
N LYS C 215 -3.10 -23.24 0.45
CA LYS C 215 -3.63 -24.22 1.38
C LYS C 215 -4.66 -23.63 2.32
N ARG C 216 -5.70 -24.38 2.66
CA ARG C 216 -6.85 -23.81 3.34
C ARG C 216 -6.71 -23.86 4.87
N VAL C 217 -7.76 -23.45 5.58
CA VAL C 217 -7.76 -23.43 7.05
C VAL C 217 -9.19 -23.61 7.57
N SER D 1 40.56 -5.41 15.34
CA SER D 1 40.37 -4.81 14.02
C SER D 1 39.33 -3.68 14.06
N TYR D 2 39.13 -3.12 15.25
CA TYR D 2 38.08 -2.14 15.48
C TYR D 2 38.55 -1.00 16.37
N VAL D 3 38.36 0.25 15.94
CA VAL D 3 38.38 1.33 16.90
C VAL D 3 37.09 1.07 17.64
N LEU D 4 37.14 1.00 18.96
CA LEU D 4 35.89 0.74 19.66
C LEU D 4 35.05 2.01 19.79
N THR D 5 33.86 1.98 19.25
CA THR D 5 32.84 2.88 19.72
C THR D 5 32.73 2.37 21.14
N GLN D 6 32.68 3.26 22.11
CA GLN D 6 32.67 2.84 23.50
C GLN D 6 31.41 2.01 23.73
N PRO D 7 30.35 2.44 23.06
CA PRO D 7 28.97 2.06 23.38
C PRO D 7 28.41 1.05 22.39
N PRO D 8 27.88 -0.06 22.91
CA PRO D 8 26.97 -0.89 22.12
C PRO D 8 25.70 -0.10 21.91
N SER D 9 25.28 0.61 22.95
CA SER D 9 24.12 1.49 22.88
C SER D 9 24.31 2.73 23.76
N ALA D 10 23.47 3.73 23.55
CA ALA D 10 23.40 4.89 24.43
C ALA D 10 21.97 5.40 24.44
N SER D 11 21.50 5.86 25.60
CA SER D 11 20.11 6.28 25.70
C SER D 11 19.99 7.79 25.62
N GLY D 12 18.76 8.28 25.65
CA GLY D 12 18.49 9.70 25.55
C GLY D 12 17.01 10.02 25.62
N THR D 13 16.71 11.27 25.98
CA THR D 13 15.34 11.72 26.11
C THR D 13 15.13 12.89 25.15
N PRO D 14 13.94 12.97 24.53
CA PRO D 14 13.72 14.03 23.54
C PRO D 14 14.04 15.40 24.12
N GLY D 15 14.82 16.19 23.39
CA GLY D 15 15.16 17.53 23.82
C GLY D 15 16.34 17.59 24.77
N GLN D 16 17.11 16.51 24.83
CA GLN D 16 18.31 16.46 25.67
C GLN D 16 19.51 16.03 24.82
N ARG D 17 20.70 16.23 25.37
CA ARG D 17 21.93 15.90 24.64
C ARG D 17 22.41 14.47 24.85
N VAL D 18 22.73 13.80 23.75
CA VAL D 18 23.24 12.43 23.78
C VAL D 18 24.64 12.37 23.18
N ALA D 19 25.57 11.79 23.91
CA ALA D 19 26.97 11.74 23.47
C ALA D 19 27.47 10.31 23.22
N ILE D 20 28.01 10.08 22.04
CA ILE D 20 28.58 8.80 21.68
C ILE D 20 30.10 8.92 21.53
N SER D 21 30.83 8.33 22.46
CA SER D 21 32.29 8.36 22.43
C SER D 21 32.86 7.26 21.54
N CYS D 22 33.94 7.58 20.84
CA CYS D 22 34.67 6.56 20.08
C CYS D 22 36.17 6.61 20.39
N SER D 23 36.67 5.61 21.10
CA SER D 23 38.08 5.51 21.47
C SER D 23 38.98 4.91 20.37
N GLY D 24 40.27 5.21 20.42
CA GLY D 24 41.21 4.67 19.45
C GLY D 24 42.65 4.65 19.91
N SER D 25 43.55 4.33 18.99
CA SER D 25 44.98 4.36 19.25
C SER D 25 45.56 5.51 18.47
N ASN D 26 46.87 5.73 18.57
CA ASN D 26 47.47 6.93 18.00
C ASN D 26 47.82 6.84 16.52
N SER D 27 47.56 5.69 15.91
CA SER D 27 47.81 5.53 14.47
C SER D 27 46.52 5.82 13.69
N ASN D 28 45.40 5.87 14.39
CA ASN D 28 44.11 6.11 13.77
C ASN D 28 43.47 7.46 14.09
N ILE D 29 42.84 7.58 15.26
CA ILE D 29 42.23 8.84 15.65
C ILE D 29 43.25 9.89 16.06
N GLY D 30 44.26 9.46 16.82
CA GLY D 30 45.34 10.33 17.19
C GLY D 30 45.97 11.01 15.98
N SER D 31 46.14 10.23 14.91
CA SER D 31 46.84 10.67 13.72
C SER D 31 45.95 11.19 12.58
N ASN D 32 44.63 11.17 12.78
CA ASN D 32 43.71 11.67 11.75
C ASN D 32 42.39 12.21 12.30
N THR D 33 41.51 12.62 11.38
CA THR D 33 40.20 13.14 11.73
C THR D 33 39.17 12.02 11.70
N VAL D 34 38.22 12.05 12.63
CA VAL D 34 37.22 10.99 12.73
C VAL D 34 35.95 11.34 11.98
N HIS D 35 35.37 10.36 11.29
CA HIS D 35 34.10 10.58 10.63
C HIS D 35 32.95 9.93 11.41
N TRP D 36 31.73 10.22 10.98
CA TRP D 36 30.54 9.68 11.62
C TRP D 36 29.45 9.39 10.61
N TYR D 37 28.98 8.14 10.65
CA TYR D 37 27.93 7.67 9.77
C TYR D 37 26.69 7.29 10.55
N GLN D 38 25.54 7.61 9.99
CA GLN D 38 24.26 7.25 10.57
C GLN D 38 23.56 6.25 9.66
N GLN D 39 23.32 5.05 10.18
CA GLN D 39 22.59 4.04 9.44
C GLN D 39 21.25 3.80 10.11
N LEU D 40 20.20 3.65 9.31
CA LEU D 40 18.87 3.45 9.84
C LEU D 40 18.41 2.03 9.52
N PRO D 41 17.49 1.50 10.35
CA PRO D 41 17.07 0.10 10.15
C PRO D 41 16.61 -0.11 8.72
N GLY D 42 17.13 -1.15 8.08
CA GLY D 42 16.78 -1.46 6.71
C GLY D 42 17.37 -0.51 5.69
N ALA D 43 18.28 0.36 6.15
CA ALA D 43 18.86 1.39 5.29
C ALA D 43 20.38 1.31 5.20
N ALA D 44 20.92 1.96 4.17
CA ALA D 44 22.37 2.07 4.00
C ALA D 44 22.93 3.15 4.92
N PRO D 45 24.26 3.10 5.18
CA PRO D 45 24.92 4.13 5.99
C PRO D 45 24.78 5.51 5.37
N LYS D 46 24.79 6.55 6.20
CA LYS D 46 24.58 7.91 5.75
C LYS D 46 25.58 8.85 6.44
N LEU D 47 26.28 9.65 5.66
CA LEU D 47 27.32 10.52 6.21
C LEU D 47 26.72 11.60 7.09
N LEU D 48 27.16 11.63 8.34
CA LEU D 48 26.64 12.58 9.32
C LEU D 48 27.66 13.69 9.55
N ILE D 49 28.85 13.31 10.02
CA ILE D 49 29.90 14.31 10.23
C ILE D 49 31.22 13.81 9.65
N TYR D 50 31.82 14.59 8.75
CA TYR D 50 33.13 14.23 8.20
C TYR D 50 34.28 15.10 8.71
N SER D 51 35.49 14.56 8.69
CA SER D 51 36.69 15.38 8.92
C SER D 51 36.65 16.12 10.26
N ASN D 52 36.27 15.52 11.72
CA ASN D 52 36.42 16.31 12.94
C ASN D 52 35.35 17.41 13.13
N ASN D 53 34.10 17.07 12.83
CA ASN D 53 32.95 17.93 13.14
C ASN D 53 32.45 18.97 12.12
N GLN D 54 32.97 18.91 10.89
CA GLN D 54 32.35 19.49 9.71
C GLN D 54 31.16 18.64 9.25
N ARG D 55 30.23 19.24 8.51
CA ARG D 55 29.02 18.52 8.06
C ARG D 55 28.68 18.71 6.57
N PRO D 56 27.95 17.75 6.00
CA PRO D 56 27.56 17.80 4.59
C PRO D 56 26.21 18.50 4.45
N SER D 57 25.73 18.64 3.22
CA SER D 57 24.47 19.33 2.99
C SER D 57 23.31 18.75 3.80
N GLY D 58 22.49 19.63 4.35
CA GLY D 58 21.24 19.24 4.99
C GLY D 58 21.35 18.53 6.33
N VAL D 59 22.45 18.75 7.04
CA VAL D 59 22.61 18.16 8.37
C VAL D 59 22.64 19.26 9.43
N PRO D 60 21.64 19.26 10.31
CA PRO D 60 21.45 20.33 11.32
C PRO D 60 22.65 20.48 12.25
N ASP D 61 22.76 21.63 12.88
CA ASP D 61 23.88 21.90 13.79
C ASP D 61 23.78 21.07 15.07
N ARG D 62 22.69 20.32 15.21
CA ARG D 62 22.50 19.45 16.37
C ARG D 62 23.69 18.54 16.60
N PHE D 63 24.28 18.03 15.52
CA PHE D 63 25.39 17.08 15.60
C PHE D 63 26.74 17.80 15.65
N SER D 64 27.65 17.30 16.50
CA SER D 64 28.96 17.93 16.67
C SER D 64 30.09 16.92 16.94
N GLY D 65 31.26 17.15 16.35
CA GLY D 65 32.41 16.28 16.54
C GLY D 65 33.42 16.76 17.56
N SER D 66 34.27 15.84 18.03
CA SER D 66 35.21 16.14 19.11
C SER D 66 36.67 15.80 18.79
N ASN D 67 37.54 16.08 19.76
CA ASN D 67 38.97 16.29 19.50
C ASN D 67 39.76 15.30 18.63
N SER D 68 39.64 14.00 18.89
CA SER D 68 40.42 12.99 18.14
C SER D 68 41.82 12.75 18.71
N GLY D 69 42.14 13.42 19.82
CA GLY D 69 43.46 13.27 20.40
C GLY D 69 43.74 11.85 20.88
N THR D 70 42.77 11.25 21.56
CA THR D 70 42.84 9.85 21.93
C THR D 70 41.61 9.11 21.43
N SER D 71 40.46 9.67 21.77
CA SER D 71 39.16 9.16 21.32
C SER D 71 38.32 10.35 20.91
N ALA D 72 37.36 10.14 20.02
CA ALA D 72 36.58 11.27 19.51
C ALA D 72 35.22 11.18 20.17
N SER D 73 34.35 12.12 19.83
CA SER D 73 32.98 12.07 20.35
C SER D 73 32.00 12.71 19.38
N LEU D 74 30.82 12.12 19.29
CA LEU D 74 29.72 12.71 18.56
C LEU D 74 28.70 13.20 19.58
N ALA D 75 28.15 14.39 19.34
CA ALA D 75 27.19 14.95 20.26
C ALA D 75 25.94 15.36 19.50
N ILE D 76 24.82 14.69 19.80
CA ILE D 76 23.54 15.07 19.24
C ILE D 76 22.87 15.87 20.36
N SER D 77 22.82 17.20 20.22
CA SER D 77 22.53 18.04 21.38
C SER D 77 21.05 18.31 21.62
N ARG D 78 20.21 18.07 20.64
CA ARG D 78 18.78 18.02 20.91
C ARG D 78 18.15 16.82 20.21
N LEU D 79 17.67 15.86 21.00
CA LEU D 79 17.29 14.55 20.49
C LEU D 79 15.95 14.54 19.77
N GLN D 80 15.75 13.53 18.94
CA GLN D 80 14.46 13.31 18.27
C GLN D 80 14.20 11.82 18.17
N SER D 81 13.05 11.46 17.60
CA SER D 81 12.71 10.06 17.38
C SER D 81 13.43 9.50 16.17
N GLU D 82 13.61 10.36 15.18
CA GLU D 82 14.18 9.95 13.90
C GLU D 82 15.69 9.86 14.06
N ASP D 83 16.15 10.14 15.27
CA ASP D 83 17.56 10.04 15.64
C ASP D 83 17.98 8.68 16.18
N GLU D 84 17.03 7.75 16.29
CA GLU D 84 17.38 6.43 16.80
C GLU D 84 17.86 5.61 15.61
N ALA D 85 19.11 5.15 15.69
CA ALA D 85 19.77 4.52 14.57
C ALA D 85 21.09 3.91 15.04
N ASP D 86 21.83 3.34 14.10
CA ASP D 86 23.20 2.90 14.34
C ASP D 86 24.14 4.05 14.00
N TYR D 87 25.14 4.27 14.83
CA TYR D 87 26.12 5.32 14.57
C TYR D 87 27.55 4.78 14.55
N TYR D 88 28.17 4.83 13.38
CA TYR D 88 29.50 4.26 13.19
C TYR D 88 30.55 5.35 12.96
N CYS D 89 31.43 5.52 13.90
CA CYS D 89 32.56 6.43 13.73
C CYS D 89 33.65 5.79 12.89
N ALA D 90 34.48 6.60 12.20
CA ALA D 90 35.50 6.08 11.28
C ALA D 90 36.74 6.95 11.19
N ALA D 91 37.89 6.32 10.95
CA ALA D 91 39.15 7.05 10.76
C ALA D 91 40.14 6.25 9.92
N TRP D 92 41.06 6.95 9.26
CA TRP D 92 42.16 6.30 8.55
C TRP D 92 43.21 5.85 9.55
N ASP D 93 44.00 4.85 9.19
CA ASP D 93 44.98 4.29 10.11
C ASP D 93 46.38 4.36 9.51
N ASP D 94 47.32 4.96 10.25
CA ASP D 94 48.68 5.11 9.76
C ASP D 94 49.46 3.79 9.79
N SER D 95 49.40 3.10 10.91
CA SER D 95 50.12 1.85 11.09
C SER D 95 49.86 0.79 10.02
N LEU D 96 48.58 0.47 9.82
CA LEU D 96 48.21 -0.61 8.92
C LEU D 96 47.19 -0.21 7.86
N ASN D 97 47.67 0.48 6.83
CA ASN D 97 46.89 0.79 5.64
C ASN D 97 45.61 1.62 5.84
N GLY D 98 44.53 1.12 5.24
CA GLY D 98 43.29 1.87 5.08
C GLY D 98 42.41 2.21 6.27
N VAL D 99 41.22 2.73 5.99
CA VAL D 99 40.32 3.24 7.01
C VAL D 99 39.75 2.13 7.90
N VAL D 100 39.49 2.47 9.16
CA VAL D 100 38.89 1.54 10.10
C VAL D 100 37.65 2.14 10.75
N PHE D 101 36.63 1.31 10.97
CA PHE D 101 35.38 1.75 11.58
C PHE D 101 35.32 1.40 13.05
N GLY D 102 34.24 1.83 13.70
CA GLY D 102 33.96 1.47 15.07
C GLY D 102 32.86 0.43 15.11
N GLY D 103 32.56 -0.09 16.29
CA GLY D 103 31.53 -1.10 16.44
C GLY D 103 30.13 -0.57 16.24
N GLY D 104 30.01 0.76 16.11
CA GLY D 104 28.71 1.38 15.94
C GLY D 104 27.97 1.48 17.26
N THR D 105 27.02 2.40 17.33
CA THR D 105 26.19 2.52 18.52
C THR D 105 24.72 2.76 18.17
N LYS D 106 23.86 1.83 18.58
CA LYS D 106 22.43 2.03 18.38
C LYS D 106 21.92 2.95 19.47
N VAL D 107 21.29 4.05 19.06
CA VAL D 107 20.80 5.04 20.00
C VAL D 107 19.29 4.89 20.19
N THR D 108 18.82 5.17 21.41
CA THR D 108 17.45 4.85 21.80
C THR D 108 16.67 6.08 22.28
N VAL D 109 15.42 6.17 21.83
CA VAL D 109 14.49 7.20 22.32
C VAL D 109 13.32 6.49 22.98
N LEU D 110 12.60 7.20 23.85
CA LEU D 110 11.84 6.52 24.90
C LEU D 110 10.30 6.58 24.81
N GLN D 111 9.70 5.42 24.57
CA GLN D 111 8.25 5.31 24.42
C GLN D 111 7.65 4.33 25.44
N PRO D 112 6.32 4.16 25.43
CA PRO D 112 5.65 3.34 26.46
C PRO D 112 5.96 1.84 26.36
N LYS D 113 6.15 1.21 27.51
CA LYS D 113 6.48 -0.21 27.59
C LYS D 113 5.24 -1.08 27.41
N ALA D 114 5.28 -1.96 26.41
CA ALA D 114 4.12 -2.81 26.12
C ALA D 114 4.25 -4.21 26.70
N ALA D 115 3.18 -4.98 26.58
CA ALA D 115 3.14 -6.36 27.07
C ALA D 115 3.08 -7.35 25.92
N PRO D 116 4.02 -8.32 25.89
CA PRO D 116 4.07 -9.27 24.78
C PRO D 116 2.79 -10.09 24.64
N SER D 117 2.38 -10.30 23.40
CA SER D 117 1.23 -11.16 23.09
C SER D 117 1.73 -12.41 22.40
N VAL D 118 1.54 -13.56 23.06
CA VAL D 118 1.95 -14.82 22.48
C VAL D 118 0.75 -15.66 22.08
N THR D 119 0.77 -16.13 20.83
CA THR D 119 -0.17 -17.16 20.40
C THR D 119 0.63 -18.43 20.23
N LEU D 120 0.05 -19.56 20.62
CA LEU D 120 0.77 -20.83 20.55
C LEU D 120 -0.03 -21.88 19.78
N PHE D 121 0.61 -22.51 18.79
CA PHE D 121 -0.08 -23.44 17.93
C PHE D 121 0.51 -24.84 18.05
N PRO D 122 -0.36 -25.86 18.01
CA PRO D 122 -0.03 -27.28 18.00
C PRO D 122 0.38 -27.70 16.61
N PRO D 123 1.10 -28.82 16.48
CA PRO D 123 1.38 -29.30 15.13
C PRO D 123 0.07 -29.48 14.39
N SER D 124 0.04 -29.19 13.10
CA SER D 124 -1.16 -29.42 12.31
C SER D 124 -1.40 -30.92 12.19
N SER D 125 -2.63 -31.31 11.93
CA SER D 125 -2.97 -32.71 11.75
C SER D 125 -2.27 -33.20 10.50
N GLU D 126 -2.33 -32.36 9.47
CA GLU D 126 -1.78 -32.69 8.17
C GLU D 126 -0.26 -32.84 8.24
N GLU D 127 0.37 -32.13 9.18
CA GLU D 127 1.80 -32.28 9.41
C GLU D 127 2.11 -33.56 10.17
N LEU D 128 1.41 -33.79 11.27
CA LEU D 128 1.58 -35.02 12.04
C LEU D 128 1.56 -36.17 11.06
N GLN D 129 0.58 -36.13 10.17
CA GLN D 129 0.41 -37.14 9.15
C GLN D 129 1.68 -37.34 8.32
N ALA D 130 2.53 -36.32 8.31
CA ALA D 130 3.78 -36.37 7.56
C ALA D 130 4.94 -36.86 8.42
N ASN D 131 4.64 -37.26 9.65
CA ASN D 131 5.64 -37.76 10.59
C ASN D 131 6.64 -36.68 11.01
N LYS D 132 6.19 -35.42 11.00
CA LYS D 132 6.93 -34.31 11.56
C LYS D 132 5.96 -33.56 12.48
N ALA D 133 6.45 -33.00 13.58
CA ALA D 133 5.58 -32.21 14.44
C ALA D 133 6.30 -30.93 14.86
N THR D 134 5.59 -29.80 14.80
CA THR D 134 6.19 -28.53 15.21
C THR D 134 5.23 -27.70 16.05
N LEU D 135 5.63 -27.41 17.28
CA LEU D 135 4.89 -26.47 18.11
C LEU D 135 5.38 -25.07 17.75
N VAL D 136 4.46 -24.14 17.50
CA VAL D 136 4.89 -22.81 17.08
C VAL D 136 4.37 -21.68 17.98
N CYS D 137 5.30 -21.01 18.66
CA CYS D 137 4.98 -19.95 19.60
C CYS D 137 5.39 -18.59 19.05
N LEU D 138 4.39 -17.77 18.73
CA LEU D 138 4.61 -16.45 18.15
C LEU D 138 4.42 -15.34 19.18
N ILE D 139 5.30 -14.33 19.14
CA ILE D 139 5.30 -13.25 20.13
C ILE D 139 5.34 -11.88 19.46
N SER D 140 4.40 -11.01 19.82
CA SER D 140 4.28 -9.69 19.19
C SER D 140 3.99 -8.54 20.15
N ASP D 141 4.35 -7.33 19.73
CA ASP D 141 4.01 -6.08 20.43
C ASP D 141 4.54 -5.93 21.86
N PHE D 142 5.82 -6.20 22.06
CA PHE D 142 6.46 -6.09 23.36
C PHE D 142 7.62 -5.10 23.36
N TYR D 143 7.46 -3.95 24.01
CA TYR D 143 8.57 -3.01 24.10
C TYR D 143 8.98 -2.83 25.56
N PRO D 144 10.29 -2.70 25.80
CA PRO D 144 11.34 -2.81 24.78
C PRO D 144 11.49 -4.20 24.17
N GLY D 145 12.43 -4.32 23.23
CA GLY D 145 12.50 -5.47 22.34
C GLY D 145 13.32 -6.67 22.78
N ALA D 146 13.51 -6.84 24.08
CA ALA D 146 14.25 -8.00 24.57
C ALA D 146 13.35 -9.00 25.29
N VAL D 147 13.22 -10.20 24.74
CA VAL D 147 12.40 -11.24 25.35
C VAL D 147 13.13 -12.57 25.36
N THR D 148 12.85 -13.40 26.37
CA THR D 148 13.41 -14.76 26.36
C THR D 148 12.32 -15.82 26.40
N VAL D 149 12.61 -16.96 25.79
CA VAL D 149 11.58 -17.98 25.58
C VAL D 149 12.00 -19.34 26.13
N ALA D 150 11.18 -19.87 27.04
CA ALA D 150 11.44 -21.19 27.63
C ALA D 150 10.32 -22.17 27.27
N TRP D 151 10.69 -23.24 26.59
CA TRP D 151 9.76 -24.31 26.23
C TRP D 151 9.75 -25.40 27.28
N LYS D 152 8.59 -25.97 27.54
CA LYS D 152 8.47 -27.07 28.49
C LYS D 152 7.68 -28.24 27.93
N ALA D 153 8.28 -29.42 28.01
CA ALA D 153 7.64 -30.65 27.58
C ALA D 153 6.86 -31.27 28.72
N ASP D 154 5.54 -31.31 28.58
CA ASP D 154 4.63 -31.69 29.66
C ASP D 154 4.84 -30.85 30.93
N SER D 155 4.77 -31.46 32.10
CA SER D 155 4.74 -30.66 33.30
C SER D 155 6.16 -30.54 33.84
N SER D 156 6.68 -29.32 33.65
CA SER D 156 8.07 -28.91 33.86
C SER D 156 9.16 -29.37 32.90
N PRO D 157 9.23 -30.68 32.61
CA PRO D 157 10.59 -30.82 32.06
C PRO D 157 10.97 -29.75 31.05
N VAL D 158 12.23 -29.35 30.99
CA VAL D 158 12.61 -28.30 30.05
C VAL D 158 12.88 -28.91 28.67
N LYS D 159 13.14 -28.07 27.68
CA LYS D 159 13.27 -28.55 26.31
C LYS D 159 14.46 -27.93 25.57
N ALA D 160 15.38 -28.79 25.14
CA ALA D 160 16.59 -28.36 24.44
C ALA D 160 16.43 -28.11 22.94
N GLY D 161 15.60 -28.91 22.28
CA GLY D 161 15.64 -29.03 20.83
C GLY D 161 14.98 -27.94 19.99
N VAL D 162 14.77 -26.77 20.58
CA VAL D 162 14.03 -25.70 19.93
C VAL D 162 14.89 -24.81 19.02
N GLU D 163 14.23 -23.89 18.32
CA GLU D 163 14.90 -22.87 17.51
C GLU D 163 14.15 -21.56 17.66
N THR D 164 14.86 -20.48 18.00
CA THR D 164 14.20 -19.19 18.21
C THR D 164 14.84 -18.08 17.39
N THR D 165 14.02 -17.15 16.90
CA THR D 165 14.51 -16.04 16.09
C THR D 165 14.94 -14.87 16.97
N THR D 166 15.20 -13.73 16.34
CA THR D 166 15.61 -12.53 17.05
C THR D 166 14.53 -11.47 16.97
N PRO D 167 14.47 -10.59 17.98
CA PRO D 167 13.36 -9.66 18.18
C PRO D 167 13.38 -8.53 17.15
N SER D 168 12.90 -8.80 15.95
CA SER D 168 13.00 -7.81 14.88
C SER D 168 12.06 -6.63 15.13
N LYS D 169 12.54 -5.42 14.85
CA LYS D 169 11.66 -4.28 14.82
C LYS D 169 10.95 -4.31 13.47
N GLN D 170 9.63 -4.37 13.50
CA GLN D 170 8.86 -4.44 12.27
C GLN D 170 7.58 -3.63 12.36
N SER D 171 7.00 -3.32 11.20
CA SER D 171 5.68 -2.73 11.16
C SER D 171 5.63 -1.48 12.01
N ASN D 172 4.85 -1.54 13.08
CA ASN D 172 4.57 -0.36 13.88
C ASN D 172 5.43 -0.27 15.13
N ASN D 173 6.42 0.62 15.08
CA ASN D 173 7.13 1.05 16.29
C ASN D 173 7.46 -0.03 17.32
N LYS D 174 7.92 -1.19 16.90
CA LYS D 174 7.98 -2.34 17.73
C LYS D 174 8.42 -3.66 17.17
N TYR D 175 8.65 -4.62 18.06
CA TYR D 175 9.36 -5.85 17.74
C TYR D 175 8.53 -7.12 17.88
N ALA D 176 9.00 -8.19 17.25
CA ALA D 176 8.37 -9.49 17.36
C ALA D 176 9.41 -10.60 17.27
N ALA D 177 9.05 -11.77 17.76
CA ALA D 177 9.89 -12.95 17.61
C ALA D 177 9.05 -14.21 17.56
N SER D 178 9.46 -15.15 16.71
CA SER D 178 8.80 -16.45 16.61
C SER D 178 9.73 -17.55 17.10
N SER D 179 9.16 -18.59 17.68
CA SER D 179 9.94 -19.70 18.22
C SER D 179 9.29 -21.03 17.90
N TYR D 180 10.09 -21.96 17.39
CA TYR D 180 9.58 -23.27 17.01
C TYR D 180 10.20 -24.37 17.87
N LEU D 181 9.38 -25.35 18.22
CA LEU D 181 9.88 -26.57 18.84
C LEU D 181 9.60 -27.73 17.88
N SER D 182 10.66 -28.44 17.51
CA SER D 182 10.54 -29.55 16.59
C SER D 182 10.50 -30.88 17.35
N LEU D 183 9.43 -31.63 17.13
CA LEU D 183 9.26 -32.92 17.76
C LEU D 183 8.79 -33.96 16.75
N THR D 184 8.64 -35.18 17.25
CA THR D 184 8.17 -36.29 16.44
C THR D 184 6.79 -36.63 16.94
N PRO D 185 5.92 -37.09 16.03
CA PRO D 185 4.51 -37.31 16.40
C PRO D 185 4.38 -38.12 17.68
N GLU D 186 5.37 -38.96 17.98
CA GLU D 186 5.36 -39.74 19.22
C GLU D 186 5.62 -38.85 20.44
N GLN D 187 6.72 -38.11 20.43
CA GLN D 187 7.05 -37.20 21.52
C GLN D 187 5.88 -36.23 21.75
N TRP D 188 5.13 -35.99 20.69
CA TRP D 188 3.97 -35.12 20.74
C TRP D 188 2.84 -35.83 21.47
N LYS D 189 2.39 -36.93 20.89
CA LYS D 189 1.27 -37.70 21.41
C LYS D 189 1.57 -38.31 22.78
N SER D 190 2.82 -38.20 23.24
CA SER D 190 3.25 -38.85 24.48
C SER D 190 3.27 -37.97 25.74
N HIS D 191 2.90 -36.70 25.61
CA HIS D 191 2.94 -35.81 26.77
C HIS D 191 1.59 -35.20 27.14
N ARG D 192 1.36 -35.02 28.43
CA ARG D 192 0.09 -34.48 28.93
C ARG D 192 -0.19 -33.09 28.39
N SER D 193 0.85 -32.29 28.19
CA SER D 193 0.72 -30.95 27.65
C SER D 193 2.06 -30.38 27.21
N TYR D 194 2.04 -29.14 26.73
CA TYR D 194 3.25 -28.43 26.34
C TYR D 194 3.11 -26.95 26.66
N SER D 195 4.18 -26.33 27.14
CA SER D 195 4.09 -24.93 27.52
C SER D 195 5.11 -24.06 26.81
N CYS D 196 4.63 -22.94 26.24
CA CYS D 196 5.52 -21.90 25.77
C CYS D 196 5.48 -20.78 26.80
N GLN D 197 6.62 -20.51 27.41
CA GLN D 197 6.71 -19.46 28.41
C GLN D 197 7.59 -18.33 27.93
N VAL D 198 6.96 -17.21 27.59
CA VAL D 198 7.65 -16.01 27.19
C VAL D 198 7.83 -15.11 28.40
N THR D 199 9.09 -14.82 28.71
CA THR D 199 9.41 -13.95 29.83
C THR D 199 10.02 -12.65 29.32
N HIS D 200 9.34 -11.56 29.64
CA HIS D 200 9.71 -10.23 29.19
C HIS D 200 9.58 -9.19 30.31
N GLU D 201 10.70 -8.57 30.67
CA GLU D 201 10.68 -7.34 31.44
C GLU D 201 9.97 -7.41 32.80
N VAL D 205 5.17 -10.38 34.20
CA VAL D 205 6.49 -10.59 33.61
C VAL D 205 6.56 -11.92 32.86
N GLU D 206 6.05 -12.98 33.49
CA GLU D 206 6.05 -14.30 32.89
C GLU D 206 4.66 -14.52 32.31
N LYS D 207 4.61 -15.07 31.10
CA LYS D 207 3.38 -15.50 30.48
C LYS D 207 3.56 -16.91 29.94
N THR D 208 2.60 -17.80 30.21
CA THR D 208 2.70 -19.13 29.63
C THR D 208 1.42 -19.52 28.90
N VAL D 209 1.57 -20.28 27.81
CA VAL D 209 0.42 -20.77 27.05
C VAL D 209 0.61 -22.26 26.70
N ALA D 210 -0.49 -23.02 26.74
CA ALA D 210 -0.40 -24.48 26.75
C ALA D 210 -1.42 -25.26 25.91
N PRO D 211 -1.12 -25.47 24.61
CA PRO D 211 -1.90 -26.48 23.87
C PRO D 211 -1.70 -27.86 24.46
N THR D 212 -2.36 -28.88 23.91
CA THR D 212 -2.30 -30.22 24.48
C THR D 212 -2.38 -31.32 23.41
N GLU D 213 -2.26 -32.58 23.85
CA GLU D 213 -2.20 -33.76 22.97
C GLU D 213 -0.77 -34.01 22.50
N SER E 1 -31.86 -3.30 -16.12
CA SER E 1 -33.05 -3.68 -16.87
C SER E 1 -33.86 -4.75 -16.14
N TYR E 2 -34.54 -5.64 -16.87
CA TYR E 2 -34.57 -5.71 -18.33
C TYR E 2 -35.23 -4.54 -19.04
N VAL E 3 -36.30 -4.01 -18.46
CA VAL E 3 -37.16 -3.10 -19.17
C VAL E 3 -36.34 -1.92 -19.67
N LEU E 4 -36.60 -1.53 -20.92
CA LEU E 4 -35.80 -0.53 -21.58
C LEU E 4 -35.86 0.80 -20.86
N THR E 5 -34.72 1.47 -20.79
CA THR E 5 -34.64 2.77 -20.13
C THR E 5 -34.52 3.84 -21.20
N GLN E 6 -35.39 4.83 -21.12
CA GLN E 6 -35.42 5.90 -22.11
C GLN E 6 -34.10 6.66 -22.06
N PRO E 7 -33.57 6.85 -20.85
CA PRO E 7 -32.37 7.67 -20.68
C PRO E 7 -31.25 6.88 -20.02
N PRO E 8 -30.06 6.86 -20.63
CA PRO E 8 -28.78 6.62 -19.95
C PRO E 8 -28.35 7.88 -19.23
N SER E 9 -28.77 9.00 -19.79
CA SER E 9 -28.30 10.32 -19.40
C SER E 9 -29.45 11.32 -19.43
N ALA E 10 -29.50 12.19 -18.44
CA ALA E 10 -30.55 13.22 -18.37
C ALA E 10 -29.90 14.57 -18.14
N SER E 11 -30.10 15.49 -19.08
CA SER E 11 -29.45 16.79 -19.01
C SER E 11 -30.44 17.93 -18.75
N GLY E 12 -30.16 18.71 -17.71
CA GLY E 12 -30.90 19.92 -17.42
C GLY E 12 -29.95 20.85 -16.68
N THR E 13 -30.18 22.16 -16.81
CA THR E 13 -29.30 23.15 -16.20
C THR E 13 -29.86 23.49 -14.82
N PRO E 14 -29.00 23.92 -13.88
CA PRO E 14 -29.49 24.17 -12.53
C PRO E 14 -30.73 25.05 -12.39
N GLY E 15 -31.72 24.58 -11.64
CA GLY E 15 -32.90 25.39 -11.36
C GLY E 15 -34.15 25.07 -12.16
N GLN E 16 -34.11 24.01 -12.96
CA GLN E 16 -35.28 23.63 -13.76
C GLN E 16 -35.69 22.17 -13.58
N ARG E 17 -36.90 21.84 -14.01
CA ARG E 17 -37.46 20.51 -13.84
C ARG E 17 -37.00 19.54 -14.93
N VAL E 18 -36.40 18.42 -14.52
CA VAL E 18 -36.01 17.38 -15.46
C VAL E 18 -36.73 16.07 -15.10
N ALA E 19 -36.88 15.17 -16.07
CA ALA E 19 -37.67 13.95 -15.86
C ALA E 19 -37.10 12.71 -16.53
N ILE E 20 -37.20 11.58 -15.83
CA ILE E 20 -36.70 10.30 -16.34
C ILE E 20 -37.81 9.33 -16.73
N SER E 21 -37.63 8.67 -17.88
CA SER E 21 -38.60 7.67 -18.34
C SER E 21 -38.23 6.23 -18.01
N CYS E 22 -39.14 5.54 -17.31
CA CYS E 22 -39.01 4.11 -17.08
C CYS E 22 -40.22 3.42 -17.71
N SER E 23 -39.99 2.65 -18.76
CA SER E 23 -41.09 1.94 -19.41
C SER E 23 -40.90 0.42 -19.35
N GLY E 24 -42.02 -0.30 -19.39
CA GLY E 24 -42.03 -1.72 -19.15
C GLY E 24 -43.29 -2.41 -19.66
N SER E 25 -43.49 -3.65 -19.25
CA SER E 25 -44.59 -4.47 -19.74
C SER E 25 -45.80 -4.53 -18.80
N ASN E 26 -46.80 -5.30 -19.21
CA ASN E 26 -48.01 -5.49 -18.43
C ASN E 26 -47.78 -6.37 -17.20
N SER E 27 -46.76 -7.21 -17.26
CA SER E 27 -46.45 -8.12 -16.17
C SER E 27 -45.92 -7.36 -14.95
N ASN E 28 -45.27 -6.23 -15.19
CA ASN E 28 -44.54 -5.55 -14.13
C ASN E 28 -45.01 -4.14 -13.80
N ILE E 29 -44.65 -3.18 -14.65
CA ILE E 29 -44.92 -1.78 -14.36
C ILE E 29 -46.38 -1.45 -14.64
N GLY E 30 -46.92 -2.03 -15.71
CA GLY E 30 -48.31 -1.83 -16.06
C GLY E 30 -49.23 -2.35 -14.98
N SER E 31 -48.85 -3.48 -14.39
CA SER E 31 -49.61 -4.07 -13.29
C SER E 31 -49.36 -3.40 -11.94
N ASN E 32 -48.15 -3.53 -11.42
CA ASN E 32 -47.81 -3.03 -10.08
C ASN E 32 -47.16 -1.65 -10.09
N THR E 33 -46.74 -1.21 -8.91
CA THR E 33 -46.08 0.08 -8.72
C THR E 33 -44.61 -0.01 -9.07
N VAL E 34 -43.91 1.12 -8.95
CA VAL E 34 -42.50 1.18 -9.30
C VAL E 34 -41.76 2.11 -8.33
N HIS E 35 -40.59 1.67 -7.88
CA HIS E 35 -39.82 2.42 -6.90
C HIS E 35 -38.54 3.00 -7.50
N TRP E 36 -38.09 4.12 -6.93
CA TRP E 36 -36.95 4.86 -7.45
C TRP E 36 -35.85 5.06 -6.42
N TYR E 37 -34.64 4.65 -6.80
CA TYR E 37 -33.44 4.74 -5.97
C TYR E 37 -32.43 5.74 -6.55
N GLN E 38 -31.73 6.43 -5.66
CA GLN E 38 -30.68 7.38 -6.07
C GLN E 38 -29.30 6.91 -5.61
N GLN E 39 -28.41 6.70 -6.57
CA GLN E 39 -27.07 6.20 -6.26
C GLN E 39 -26.01 7.25 -6.57
N LEU E 40 -25.36 7.74 -5.51
CA LEU E 40 -24.24 8.66 -5.65
C LEU E 40 -22.98 7.82 -5.80
N PRO E 41 -22.11 8.19 -6.74
CA PRO E 41 -20.92 7.38 -7.03
C PRO E 41 -20.15 7.09 -5.76
N GLY E 42 -19.78 5.83 -5.54
CA GLY E 42 -19.08 5.44 -4.34
C GLY E 42 -19.99 5.37 -3.12
N ALA E 43 -21.15 4.72 -3.28
CA ALA E 43 -22.05 4.52 -2.16
C ALA E 43 -23.13 3.48 -2.46
N ALA E 44 -23.96 3.20 -1.46
CA ALA E 44 -25.04 2.23 -1.60
C ALA E 44 -26.30 2.93 -2.09
N PRO E 45 -27.00 2.33 -3.06
CA PRO E 45 -28.16 2.97 -3.68
C PRO E 45 -29.16 3.46 -2.64
N LYS E 46 -29.54 4.73 -2.75
CA LYS E 46 -30.44 5.36 -1.80
C LYS E 46 -31.88 5.35 -2.31
N LEU E 47 -32.82 5.18 -1.40
CA LEU E 47 -34.23 5.17 -1.74
C LEU E 47 -34.78 6.59 -1.90
N LEU E 48 -35.34 6.88 -3.06
CA LEU E 48 -36.01 8.15 -3.29
C LEU E 48 -37.52 8.01 -3.16
N ILE E 49 -38.13 7.25 -4.05
CA ILE E 49 -39.54 6.92 -3.97
C ILE E 49 -39.86 5.44 -3.90
N TYR E 50 -40.99 5.03 -3.32
CA TYR E 50 -41.32 3.61 -3.28
C TYR E 50 -42.58 3.29 -4.08
N SER E 51 -43.75 3.37 -3.46
CA SER E 51 -44.98 3.35 -4.21
C SER E 51 -45.31 4.72 -4.79
N ASN E 52 -46.06 4.73 -5.89
CA ASN E 52 -46.05 5.95 -6.74
C ASN E 52 -46.14 7.38 -6.22
N ASN E 53 -45.13 8.20 -6.51
CA ASN E 53 -44.98 9.51 -5.85
C ASN E 53 -45.27 9.37 -4.35
N GLN E 54 -44.31 8.78 -3.63
CA GLN E 54 -44.39 8.62 -2.18
C GLN E 54 -42.98 8.58 -1.62
N ARG E 55 -42.80 9.04 -0.39
CA ARG E 55 -41.45 9.20 0.14
C ARG E 55 -41.26 8.65 1.56
N PRO E 56 -40.11 7.99 1.79
CA PRO E 56 -39.75 7.43 3.10
C PRO E 56 -39.42 8.50 4.14
N SER E 57 -38.61 9.49 3.76
CA SER E 57 -38.21 10.56 4.67
C SER E 57 -37.14 11.45 4.02
N GLY E 58 -36.97 12.65 4.58
CA GLY E 58 -35.83 13.49 4.25
C GLY E 58 -35.57 14.03 2.86
N VAL E 59 -36.37 13.60 1.89
CA VAL E 59 -36.23 14.19 0.54
C VAL E 59 -37.35 15.16 0.24
N PRO E 60 -37.06 16.25 -0.48
CA PRO E 60 -38.01 17.32 -0.77
C PRO E 60 -39.26 17.36 -1.66
N ASP E 61 -39.93 18.49 -1.83
CA ASP E 61 -41.16 18.42 -2.61
C ASP E 61 -40.81 17.88 -4.00
N ARG E 62 -39.66 18.33 -4.48
CA ARG E 62 -38.96 17.91 -5.69
C ARG E 62 -38.48 16.47 -5.55
N PHE E 63 -39.39 15.51 -5.72
CA PHE E 63 -39.39 14.17 -6.32
C PHE E 63 -40.79 13.58 -6.40
N SER E 64 -41.17 13.18 -7.61
CA SER E 64 -42.51 12.65 -7.86
C SER E 64 -42.46 11.57 -8.93
N GLY E 65 -43.33 10.57 -8.78
CA GLY E 65 -43.38 9.47 -9.72
C GLY E 65 -44.54 9.59 -10.67
N SER E 66 -44.65 8.65 -11.61
CA SER E 66 -45.79 8.60 -12.51
C SER E 66 -46.34 7.18 -12.65
N ASN E 67 -47.32 7.01 -13.53
CA ASN E 67 -48.40 6.04 -13.28
C ASN E 67 -48.12 4.63 -12.76
N SER E 68 -47.49 3.80 -13.58
CA SER E 68 -47.51 2.35 -13.35
C SER E 68 -48.81 1.72 -13.89
N GLY E 69 -49.58 2.52 -14.64
CA GLY E 69 -50.60 2.00 -15.53
C GLY E 69 -49.98 1.17 -16.66
N THR E 70 -49.03 1.78 -17.36
CA THR E 70 -48.27 1.11 -18.42
C THR E 70 -46.76 1.33 -18.25
N SER E 71 -46.32 2.59 -18.38
CA SER E 71 -44.93 2.97 -18.14
C SER E 71 -44.89 4.13 -17.16
N ALA E 72 -43.85 4.22 -16.34
CA ALA E 72 -43.81 5.26 -15.30
C ALA E 72 -42.72 6.29 -15.60
N SER E 73 -42.58 7.26 -14.71
CA SER E 73 -41.61 8.33 -14.86
C SER E 73 -41.28 8.93 -13.51
N LEU E 74 -40.03 9.36 -13.35
CA LEU E 74 -39.65 10.12 -12.17
C LEU E 74 -39.48 11.59 -12.53
N ALA E 75 -40.37 12.41 -11.99
CA ALA E 75 -40.35 13.84 -12.27
C ALA E 75 -39.62 14.57 -11.16
N ILE E 76 -38.47 15.14 -11.49
CA ILE E 76 -37.63 15.81 -10.49
C ILE E 76 -37.57 17.33 -10.72
N SER E 77 -37.76 18.07 -9.63
CA SER E 77 -38.01 19.51 -9.64
C SER E 77 -36.73 20.29 -9.90
N ARG E 78 -36.79 21.58 -9.62
CA ARG E 78 -35.71 22.50 -9.99
C ARG E 78 -34.38 21.87 -9.62
N LEU E 79 -33.48 21.86 -10.60
CA LEU E 79 -32.30 20.99 -10.57
C LEU E 79 -31.21 21.44 -9.61
N GLN E 80 -30.33 20.49 -9.27
CA GLN E 80 -29.21 20.74 -8.38
C GLN E 80 -27.99 19.98 -8.88
N SER E 81 -26.80 20.46 -8.53
CA SER E 81 -25.57 19.80 -8.96
C SER E 81 -25.37 18.52 -8.15
N GLU E 82 -26.10 18.44 -7.04
CA GLU E 82 -26.08 17.26 -6.19
C GLU E 82 -26.76 16.12 -6.91
N ASP E 83 -27.78 16.46 -7.70
CA ASP E 83 -28.61 15.47 -8.36
C ASP E 83 -27.82 14.59 -9.33
N GLU E 84 -26.60 15.00 -9.67
CA GLU E 84 -25.77 14.16 -10.52
C GLU E 84 -25.61 12.82 -9.82
N ALA E 85 -26.01 11.75 -10.50
CA ALA E 85 -26.09 10.43 -9.88
C ALA E 85 -26.44 9.37 -10.89
N ASP E 86 -26.78 8.18 -10.41
CA ASP E 86 -27.56 7.19 -11.14
C ASP E 86 -28.95 7.06 -10.52
N TYR E 87 -29.97 6.88 -11.35
CA TYR E 87 -31.34 6.78 -10.85
C TYR E 87 -32.02 5.50 -11.35
N TYR E 88 -32.36 4.62 -10.41
CA TYR E 88 -32.84 3.30 -10.76
C TYR E 88 -34.29 3.02 -10.38
N CYS E 89 -35.12 2.72 -11.38
CA CYS E 89 -36.46 2.22 -11.16
C CYS E 89 -36.42 0.71 -10.88
N ALA E 90 -37.43 0.21 -10.18
CA ALA E 90 -37.57 -1.21 -9.93
C ALA E 90 -39.04 -1.53 -9.74
N ALA E 91 -39.44 -2.76 -10.00
CA ALA E 91 -40.83 -3.13 -9.81
C ALA E 91 -40.95 -4.62 -9.57
N TRP E 92 -42.17 -5.10 -9.36
CA TRP E 92 -42.38 -6.54 -9.31
C TRP E 92 -42.90 -7.03 -10.66
N ASP E 93 -42.45 -8.21 -11.09
CA ASP E 93 -42.99 -8.82 -12.28
C ASP E 93 -43.92 -9.94 -11.83
N ASP E 94 -45.22 -9.70 -11.94
CA ASP E 94 -46.22 -10.65 -11.46
C ASP E 94 -46.02 -11.98 -12.16
N SER E 95 -45.73 -11.90 -13.46
CA SER E 95 -45.64 -13.08 -14.30
C SER E 95 -44.70 -14.09 -13.70
N LEU E 96 -43.42 -13.75 -13.76
CA LEU E 96 -42.37 -14.70 -13.50
C LEU E 96 -41.50 -14.19 -12.37
N ASN E 97 -41.09 -15.10 -11.51
CA ASN E 97 -40.09 -14.75 -10.49
C ASN E 97 -40.13 -13.50 -9.65
N GLY E 98 -39.02 -12.77 -9.58
CA GLY E 98 -38.95 -11.56 -8.80
C GLY E 98 -39.00 -10.17 -9.41
N VAL E 99 -38.52 -9.20 -8.63
CA VAL E 99 -38.46 -7.80 -9.04
C VAL E 99 -37.51 -7.58 -10.22
N VAL E 100 -37.89 -6.64 -11.08
CA VAL E 100 -36.99 -6.12 -12.10
C VAL E 100 -36.50 -4.75 -11.62
N PHE E 101 -35.59 -4.16 -12.38
CA PHE E 101 -34.90 -2.93 -11.97
C PHE E 101 -34.75 -1.97 -13.14
N GLY E 102 -34.30 -0.75 -12.87
CA GLY E 102 -34.04 0.20 -13.93
C GLY E 102 -32.66 0.00 -14.54
N GLY E 103 -32.56 0.18 -15.86
CA GLY E 103 -31.28 0.02 -16.53
C GLY E 103 -30.26 0.99 -15.98
N GLY E 104 -30.61 2.28 -16.05
CA GLY E 104 -29.87 3.31 -15.36
C GLY E 104 -30.07 4.69 -15.98
N THR E 105 -29.64 5.72 -15.25
CA THR E 105 -29.68 7.09 -15.74
C THR E 105 -28.53 7.88 -15.12
N LYS E 106 -27.90 8.74 -15.90
CA LYS E 106 -26.88 9.61 -15.34
C LYS E 106 -27.27 11.07 -15.56
N VAL E 107 -27.62 11.74 -14.46
CA VAL E 107 -28.12 13.10 -14.53
C VAL E 107 -27.05 14.18 -14.59
N THR E 108 -27.15 15.05 -15.60
CA THR E 108 -26.21 16.14 -15.74
C THR E 108 -26.45 17.56 -15.35
N VAL E 109 -25.48 18.21 -14.72
CA VAL E 109 -25.59 19.62 -14.34
C VAL E 109 -24.49 20.37 -15.08
N LEU E 110 -24.78 21.60 -15.48
CA LEU E 110 -23.95 22.29 -16.46
C LEU E 110 -23.01 23.36 -15.89
N GLN E 111 -21.84 23.46 -16.52
CA GLN E 111 -20.73 24.25 -16.01
C GLN E 111 -19.86 24.75 -17.16
N PRO E 112 -18.73 25.38 -16.83
CA PRO E 112 -17.74 25.80 -17.84
C PRO E 112 -17.18 24.59 -18.59
N LYS E 113 -16.23 24.84 -19.49
CA LYS E 113 -15.60 23.76 -20.24
C LYS E 113 -14.07 23.89 -20.13
N ALA E 114 -13.45 22.91 -19.51
CA ALA E 114 -12.00 22.91 -19.32
C ALA E 114 -11.32 22.08 -20.40
N ALA E 115 -10.33 22.67 -21.05
CA ALA E 115 -9.56 21.96 -22.08
C ALA E 115 -8.62 20.95 -21.43
N PRO E 116 -8.32 19.86 -22.13
CA PRO E 116 -7.48 18.79 -21.60
C PRO E 116 -6.01 19.22 -21.44
N SER E 117 -5.42 18.85 -20.31
CA SER E 117 -3.98 18.97 -20.14
C SER E 117 -3.37 17.61 -20.42
N VAL E 118 -2.64 17.48 -21.53
CA VAL E 118 -2.09 16.19 -21.88
C VAL E 118 -0.58 16.12 -21.70
N THR E 119 -0.15 15.41 -20.67
CA THR E 119 1.26 15.04 -20.51
C THR E 119 1.55 13.81 -21.37
N LEU E 120 2.79 13.66 -21.82
CA LEU E 120 3.19 12.45 -22.53
C LEU E 120 4.60 12.05 -22.11
N PHE E 121 4.74 10.79 -21.70
CA PHE E 121 6.05 10.28 -21.30
C PHE E 121 6.47 9.12 -22.18
N PRO E 122 7.75 9.09 -22.55
CA PRO E 122 8.46 8.07 -23.32
C PRO E 122 8.79 6.87 -22.45
N PRO E 123 9.10 5.73 -23.07
CA PRO E 123 9.57 4.56 -22.32
C PRO E 123 10.78 4.96 -21.47
N SER E 124 10.75 4.61 -20.19
CA SER E 124 11.80 5.08 -19.29
C SER E 124 13.07 4.24 -19.39
N SER E 125 14.10 4.65 -18.66
CA SER E 125 15.42 4.02 -18.75
C SER E 125 15.41 2.52 -18.47
N GLU E 126 15.17 2.17 -17.20
CA GLU E 126 15.20 0.78 -16.77
C GLU E 126 14.15 -0.08 -17.50
N GLU E 127 13.04 0.55 -17.86
CA GLU E 127 11.95 -0.17 -18.51
C GLU E 127 12.46 -0.93 -19.75
N LEU E 128 13.07 -0.22 -20.67
CA LEU E 128 13.62 -0.82 -21.88
C LEU E 128 14.71 -1.87 -21.64
N GLN E 129 15.52 -1.64 -20.61
CA GLN E 129 16.54 -2.58 -20.17
C GLN E 129 15.94 -3.94 -19.77
N ALA E 130 14.70 -3.87 -19.31
CA ALA E 130 13.82 -5.02 -19.14
C ALA E 130 13.52 -5.62 -20.51
N ASN E 131 13.41 -4.76 -21.51
CA ASN E 131 12.98 -5.15 -22.85
C ASN E 131 11.51 -5.37 -23.18
N LYS E 132 10.66 -4.51 -22.64
CA LYS E 132 9.34 -4.06 -23.10
C LYS E 132 9.14 -2.65 -22.56
N ALA E 133 8.55 -1.73 -23.32
CA ALA E 133 8.54 -0.34 -22.90
C ALA E 133 7.11 0.16 -23.12
N THR E 134 6.75 1.23 -22.42
CA THR E 134 5.41 1.77 -22.50
C THR E 134 5.31 3.28 -22.64
N LEU E 135 4.37 3.73 -23.46
CA LEU E 135 4.08 5.15 -23.59
C LEU E 135 2.97 5.55 -22.64
N VAL E 136 3.19 6.62 -21.86
CA VAL E 136 2.19 7.05 -20.91
C VAL E 136 1.59 8.37 -21.34
N CYS E 137 0.36 8.33 -21.84
CA CYS E 137 -0.35 9.52 -22.26
C CYS E 137 -1.31 9.88 -21.15
N LEU E 138 -1.00 10.95 -20.44
CA LEU E 138 -1.76 11.36 -19.27
C LEU E 138 -2.63 12.57 -19.57
N ILE E 139 -3.79 12.65 -18.95
CA ILE E 139 -4.67 13.80 -19.17
C ILE E 139 -5.30 14.41 -17.90
N SER E 140 -5.02 15.70 -17.69
CA SER E 140 -5.40 16.41 -16.46
C SER E 140 -6.78 17.04 -16.54
N ASP E 141 -7.09 17.87 -15.54
CA ASP E 141 -8.45 18.35 -15.31
C ASP E 141 -9.11 18.89 -16.57
N PHE E 142 -10.32 18.41 -16.85
CA PHE E 142 -11.06 18.88 -18.02
C PHE E 142 -12.51 18.35 -18.02
N TYR E 143 -13.23 18.58 -19.13
CA TYR E 143 -14.68 18.49 -19.19
C TYR E 143 -15.11 18.62 -20.65
N PRO E 144 -16.18 17.92 -21.04
CA PRO E 144 -16.93 16.95 -20.22
C PRO E 144 -16.19 15.64 -20.04
N GLY E 145 -16.85 14.66 -19.43
CA GLY E 145 -16.26 13.37 -19.17
C GLY E 145 -15.62 12.73 -20.38
N ALA E 146 -16.38 12.65 -21.47
CA ALA E 146 -15.93 11.94 -22.67
C ALA E 146 -14.73 12.57 -23.35
N VAL E 147 -13.75 11.73 -23.66
CA VAL E 147 -12.60 12.10 -24.47
C VAL E 147 -12.16 10.85 -25.22
N THR E 148 -11.79 10.99 -26.49
CA THR E 148 -11.40 9.82 -27.26
C THR E 148 -9.93 9.83 -27.66
N VAL E 149 -9.18 8.90 -27.08
CA VAL E 149 -7.76 8.76 -27.35
C VAL E 149 -7.52 8.01 -28.66
N ALA E 150 -6.45 8.36 -29.36
CA ALA E 150 -6.02 7.62 -30.53
C ALA E 150 -4.50 7.67 -30.63
N TRP E 151 -3.89 6.57 -31.05
CA TRP E 151 -2.43 6.48 -31.08
C TRP E 151 -1.86 6.29 -32.49
N LYS E 152 -0.82 7.05 -32.80
CA LYS E 152 -0.11 6.89 -34.07
C LYS E 152 1.36 6.52 -33.81
N ALA E 153 1.83 5.49 -34.52
CA ALA E 153 3.19 4.99 -34.31
C ALA E 153 4.22 5.81 -35.05
N ASP E 154 4.28 5.64 -36.36
CA ASP E 154 5.22 6.39 -37.18
C ASP E 154 4.62 7.76 -37.41
N SER E 155 3.43 7.95 -36.86
CA SER E 155 2.60 9.11 -37.11
C SER E 155 2.08 9.01 -38.53
N SER E 156 2.67 8.09 -39.29
CA SER E 156 2.11 7.70 -40.58
C SER E 156 0.88 6.82 -40.41
N PRO E 157 1.05 5.60 -39.87
CA PRO E 157 -0.11 4.76 -39.59
C PRO E 157 -0.55 4.89 -38.14
N VAL E 158 -1.63 4.18 -37.80
CA VAL E 158 -2.15 4.18 -36.44
C VAL E 158 -1.72 2.88 -35.75
N LYS E 159 -2.14 2.70 -34.51
CA LYS E 159 -1.97 1.42 -33.83
C LYS E 159 -3.32 0.99 -33.26
N ALA E 160 -3.66 -0.29 -33.45
CA ALA E 160 -4.93 -0.81 -32.97
C ALA E 160 -4.91 -1.00 -31.46
N GLY E 161 -4.12 -1.96 -31.00
CA GLY E 161 -4.09 -2.31 -29.60
C GLY E 161 -3.57 -1.23 -28.68
N VAL E 162 -4.41 -0.84 -27.74
CA VAL E 162 -4.08 0.12 -26.70
C VAL E 162 -4.98 -0.17 -25.53
N GLU E 163 -4.56 0.14 -24.31
CA GLU E 163 -5.47 0.08 -23.18
C GLU E 163 -5.62 1.43 -22.50
N THR E 164 -6.79 2.04 -22.65
CA THR E 164 -7.10 3.30 -22.00
C THR E 164 -8.01 3.00 -20.82
N THR E 165 -8.35 4.03 -20.04
CA THR E 165 -9.23 3.81 -18.89
C THR E 165 -10.51 4.63 -18.99
N THR E 166 -11.38 4.43 -18.00
CA THR E 166 -12.66 5.14 -17.96
C THR E 166 -12.40 6.58 -17.53
N PRO E 167 -13.02 7.55 -18.22
CA PRO E 167 -12.70 8.94 -17.88
C PRO E 167 -13.31 9.36 -16.55
N SER E 168 -13.10 8.56 -15.50
CA SER E 168 -13.62 8.85 -14.18
C SER E 168 -12.82 9.90 -13.39
N LYS E 169 -13.47 10.54 -12.43
CA LYS E 169 -12.92 11.74 -11.77
C LYS E 169 -12.40 11.53 -10.35
N GLN E 170 -11.89 12.61 -9.77
CA GLN E 170 -11.28 12.60 -8.44
C GLN E 170 -10.95 14.05 -8.10
N SER E 171 -10.66 14.31 -6.83
CA SER E 171 -9.85 15.49 -6.43
C SER E 171 -10.13 16.79 -7.20
N ASN E 172 -11.39 16.98 -7.59
CA ASN E 172 -11.86 18.17 -8.30
C ASN E 172 -13.30 17.95 -8.69
N ASN E 173 -13.96 18.97 -9.24
CA ASN E 173 -15.30 18.77 -9.75
C ASN E 173 -15.28 18.13 -11.15
N LYS E 174 -14.14 18.29 -11.84
CA LYS E 174 -13.86 17.71 -13.18
C LYS E 174 -12.42 17.13 -13.37
N TYR E 175 -12.21 16.26 -14.37
CA TYR E 175 -10.93 15.57 -14.55
C TYR E 175 -10.87 14.73 -15.82
N ALA E 176 -9.76 14.01 -15.98
CA ALA E 176 -9.66 12.99 -17.03
C ALA E 176 -8.96 11.70 -16.61
N ALA E 177 -8.71 10.85 -17.59
CA ALA E 177 -8.20 9.51 -17.39
C ALA E 177 -6.80 9.34 -17.97
N SER E 178 -6.28 8.11 -17.94
CA SER E 178 -4.94 7.82 -18.44
C SER E 178 -4.92 6.73 -19.52
N SER E 179 -4.03 6.90 -20.50
CA SER E 179 -3.89 5.91 -21.57
C SER E 179 -2.46 5.38 -21.63
N TYR E 180 -2.32 4.07 -21.82
CA TYR E 180 -1.01 3.43 -21.87
C TYR E 180 -0.98 2.64 -23.17
N LEU E 181 0.21 2.52 -23.75
CA LEU E 181 0.43 1.56 -24.85
C LEU E 181 1.71 0.79 -24.55
N SER E 182 1.63 -0.54 -24.60
CA SER E 182 2.76 -1.40 -24.32
C SER E 182 3.38 -1.83 -25.65
N LEU E 183 4.69 -2.06 -25.64
CA LEU E 183 5.42 -2.35 -26.86
C LEU E 183 6.87 -2.64 -26.49
N THR E 184 7.60 -3.35 -27.35
CA THR E 184 8.96 -3.73 -27.02
C THR E 184 9.98 -2.70 -27.51
N PRO E 185 11.14 -2.62 -26.84
CA PRO E 185 12.17 -1.64 -27.17
C PRO E 185 12.60 -1.73 -28.64
N GLU E 186 12.78 -2.94 -29.14
CA GLU E 186 13.33 -3.15 -30.47
C GLU E 186 12.66 -2.27 -31.53
N GLN E 187 11.33 -2.24 -31.53
CA GLN E 187 10.60 -1.38 -32.47
C GLN E 187 10.52 0.09 -32.03
N TRP E 188 10.48 0.33 -30.72
CA TRP E 188 10.44 1.70 -30.23
C TRP E 188 11.58 2.53 -30.82
N LYS E 189 12.67 1.85 -31.15
CA LYS E 189 13.80 2.50 -31.80
C LYS E 189 13.69 2.38 -33.32
N SER E 190 12.58 1.80 -33.78
CA SER E 190 12.37 1.53 -35.19
C SER E 190 11.59 2.62 -35.94
N HIS E 191 11.29 3.72 -35.25
CA HIS E 191 10.41 4.74 -35.83
C HIS E 191 10.98 6.16 -35.88
N ARG E 192 10.13 7.09 -36.30
CA ARG E 192 10.44 8.51 -36.31
C ARG E 192 10.02 9.09 -34.97
N SER E 193 8.72 9.19 -34.76
CA SER E 193 8.16 9.67 -33.50
C SER E 193 6.81 9.01 -33.24
N TYR E 194 6.54 8.69 -31.99
CA TYR E 194 5.20 8.26 -31.60
C TYR E 194 4.37 9.47 -31.25
N SER E 195 3.13 9.50 -31.73
CA SER E 195 2.27 10.66 -31.50
C SER E 195 0.96 10.23 -30.86
N CYS E 196 0.70 10.72 -29.65
CA CYS E 196 -0.51 10.39 -28.92
C CYS E 196 -1.53 11.50 -29.11
N GLN E 197 -2.58 11.23 -29.88
CA GLN E 197 -3.57 12.23 -30.24
C GLN E 197 -4.82 12.06 -29.40
N VAL E 198 -5.03 13.01 -28.49
CA VAL E 198 -6.20 12.99 -27.63
C VAL E 198 -7.25 13.91 -28.21
N THR E 199 -8.37 13.33 -28.62
CA THR E 199 -9.45 14.14 -29.15
C THR E 199 -10.41 14.46 -28.01
N HIS E 200 -10.41 15.72 -27.58
CA HIS E 200 -11.48 16.15 -26.71
C HIS E 200 -12.44 16.97 -27.56
N GLU E 201 -13.60 16.37 -27.82
CA GLU E 201 -14.57 16.98 -28.71
C GLU E 201 -14.92 18.38 -28.24
N GLY E 202 -15.54 18.46 -27.07
CA GLY E 202 -15.94 19.73 -26.50
C GLY E 202 -17.32 19.69 -25.91
N VAL E 205 -11.38 19.26 -30.16
CA VAL E 205 -10.18 19.53 -30.96
C VAL E 205 -9.00 18.67 -30.49
N GLU E 206 -8.24 18.16 -31.44
CA GLU E 206 -7.17 17.20 -31.14
C GLU E 206 -5.93 17.83 -30.53
N LYS E 207 -4.99 16.98 -30.14
CA LYS E 207 -3.67 17.42 -29.69
C LYS E 207 -2.59 16.48 -30.24
N THR E 208 -1.66 17.01 -31.02
CA THR E 208 -0.55 16.20 -31.51
C THR E 208 0.63 16.33 -30.55
N VAL E 209 0.97 15.24 -29.88
CA VAL E 209 2.06 15.24 -28.91
C VAL E 209 3.04 14.10 -29.20
N ALA E 210 4.25 14.44 -29.64
CA ALA E 210 5.22 13.45 -30.15
C ALA E 210 6.57 13.37 -29.42
N PRO E 211 6.82 12.26 -28.72
CA PRO E 211 8.17 11.95 -28.23
C PRO E 211 8.94 11.03 -29.19
N THR E 212 10.17 10.70 -28.84
CA THR E 212 10.95 9.70 -29.58
C THR E 212 12.19 9.28 -28.80
N GLU E 213 12.99 8.41 -29.40
CA GLU E 213 14.19 7.87 -28.75
C GLU E 213 13.85 6.89 -27.63
N GLN F 3 -26.35 0.96 9.56
CA GLN F 3 -26.49 0.13 10.74
C GLN F 3 -26.02 -1.25 10.28
N LEU F 4 -26.40 -1.63 9.07
CA LEU F 4 -25.95 -2.91 8.50
C LEU F 4 -24.66 -3.17 7.75
N GLN F 5 -23.85 -4.13 8.20
CA GLN F 5 -22.47 -4.24 7.72
C GLN F 5 -22.19 -5.63 7.13
N GLN F 6 -21.67 -5.63 5.91
CA GLN F 6 -21.40 -6.88 5.19
C GLN F 6 -20.01 -7.42 5.51
N SER F 7 -19.61 -8.45 4.76
CA SER F 7 -18.29 -9.05 4.93
C SER F 7 -17.26 -8.21 4.17
N GLY F 8 -16.04 -8.74 4.05
CA GLY F 8 -14.97 -8.02 3.40
C GLY F 8 -14.86 -8.31 1.92
N ALA F 9 -14.08 -7.50 1.22
CA ALA F 9 -13.83 -7.70 -0.20
C ALA F 9 -13.11 -9.03 -0.42
N GLU F 10 -13.38 -9.66 -1.56
CA GLU F 10 -12.73 -10.92 -1.90
C GLU F 10 -12.38 -11.00 -3.38
N VAL F 11 -11.32 -11.73 -3.67
CA VAL F 11 -10.97 -12.07 -5.06
C VAL F 11 -11.22 -13.56 -5.26
N LYS F 12 -11.78 -13.92 -6.40
CA LYS F 12 -12.13 -15.32 -6.64
C LYS F 12 -11.79 -15.83 -8.04
N LYS F 13 -11.08 -16.94 -8.11
CA LYS F 13 -10.84 -17.64 -9.37
C LYS F 13 -12.17 -18.07 -9.95
N PRO F 14 -12.28 -18.13 -11.28
CA PRO F 14 -13.51 -18.63 -11.88
C PRO F 14 -13.74 -20.10 -11.52
N GLY F 15 -14.87 -20.66 -11.96
CA GLY F 15 -15.22 -22.04 -11.66
C GLY F 15 -15.25 -22.35 -10.17
N SER F 16 -15.71 -21.39 -9.38
CA SER F 16 -15.70 -21.54 -7.92
C SER F 16 -16.79 -20.74 -7.21
N SER F 17 -16.69 -20.67 -5.88
CA SER F 17 -17.77 -20.13 -5.05
C SER F 17 -17.36 -19.03 -4.08
N VAL F 18 -18.34 -18.27 -3.60
CA VAL F 18 -18.14 -17.27 -2.56
C VAL F 18 -19.40 -17.12 -1.70
N LYS F 19 -19.20 -16.94 -0.40
CA LYS F 19 -20.31 -16.76 0.54
C LYS F 19 -20.12 -15.48 1.35
N VAL F 20 -21.01 -14.52 1.17
CA VAL F 20 -20.89 -13.20 1.76
C VAL F 20 -21.94 -12.97 2.86
N SER F 21 -21.59 -12.14 3.84
CA SER F 21 -22.41 -11.97 5.03
C SER F 21 -22.94 -10.57 5.25
N CYS F 22 -24.15 -10.49 5.80
CA CYS F 22 -24.75 -9.22 6.23
C CYS F 22 -25.36 -9.40 7.62
N LYS F 23 -24.80 -8.68 8.61
CA LYS F 23 -25.29 -8.75 9.98
C LYS F 23 -26.59 -7.96 10.16
N ALA F 24 -27.32 -8.26 11.23
CA ALA F 24 -28.60 -7.61 11.47
C ALA F 24 -28.61 -6.80 12.76
N SER F 25 -29.45 -5.76 12.79
CA SER F 25 -29.58 -4.89 13.96
C SER F 25 -30.49 -5.49 15.02
N GLY F 26 -30.02 -5.53 16.26
CA GLY F 26 -30.69 -6.24 17.33
C GLY F 26 -32.16 -5.92 17.58
N GLY F 27 -32.91 -6.93 17.99
CA GLY F 27 -34.31 -6.78 18.32
C GLY F 27 -35.17 -6.55 17.09
N THR F 28 -34.70 -7.10 15.97
CA THR F 28 -35.29 -6.83 14.67
C THR F 28 -34.96 -7.97 13.74
N PHE F 29 -35.13 -7.75 12.45
CA PHE F 29 -34.51 -8.59 11.43
C PHE F 29 -34.72 -10.05 11.75
N SER F 30 -35.75 -10.34 12.55
CA SER F 30 -36.46 -11.59 12.63
C SER F 30 -37.85 -11.33 12.05
N SER F 31 -38.24 -10.06 12.00
CA SER F 31 -39.51 -9.66 11.39
C SER F 31 -39.42 -9.10 9.97
N TYR F 32 -38.21 -8.92 9.45
CA TYR F 32 -38.04 -8.30 8.13
C TYR F 32 -37.35 -9.25 7.15
N ALA F 33 -37.55 -9.01 5.87
CA ALA F 33 -36.89 -9.79 4.82
C ALA F 33 -35.73 -9.01 4.20
N ILE F 34 -34.51 -9.44 4.46
CA ILE F 34 -33.33 -8.82 3.86
C ILE F 34 -33.14 -9.33 2.43
N SER F 35 -32.71 -8.44 1.53
CA SER F 35 -32.58 -8.78 0.12
C SER F 35 -31.18 -8.50 -0.43
N TRP F 36 -30.75 -9.37 -1.34
CA TRP F 36 -29.45 -9.28 -1.97
C TRP F 36 -29.56 -8.87 -3.43
N VAL F 37 -28.93 -7.73 -3.73
CA VAL F 37 -28.93 -7.14 -5.07
C VAL F 37 -27.51 -6.71 -5.42
N ARG F 38 -27.04 -7.09 -6.61
CA ARG F 38 -25.65 -6.87 -6.99
C ARG F 38 -25.54 -5.88 -8.15
N GLN F 39 -24.40 -5.23 -8.25
CA GLN F 39 -24.15 -4.29 -9.34
C GLN F 39 -22.78 -4.51 -9.96
N ALA F 40 -22.76 -4.85 -11.25
CA ALA F 40 -21.51 -4.95 -11.99
C ALA F 40 -20.85 -3.57 -12.05
N PRO F 41 -19.51 -3.53 -11.95
CA PRO F 41 -18.82 -2.24 -11.86
C PRO F 41 -19.22 -1.27 -12.98
N GLY F 42 -19.60 -0.06 -12.58
CA GLY F 42 -19.98 0.98 -13.52
C GLY F 42 -21.37 1.03 -14.15
N GLN F 43 -22.12 -0.05 -13.98
CA GLN F 43 -23.46 -0.13 -14.56
C GLN F 43 -24.57 -0.40 -13.58
N GLY F 44 -25.78 -0.70 -14.04
CA GLY F 44 -26.94 -0.83 -13.17
C GLY F 44 -27.16 -2.00 -12.24
N LEU F 45 -28.24 -1.91 -11.46
CA LEU F 45 -28.58 -2.91 -10.46
C LEU F 45 -29.19 -4.17 -11.06
N GLU F 46 -29.04 -5.28 -10.34
CA GLU F 46 -29.63 -6.56 -10.71
C GLU F 46 -30.09 -7.26 -9.45
N TRP F 47 -31.30 -7.83 -9.46
CA TRP F 47 -31.86 -8.43 -8.26
C TRP F 47 -31.64 -9.93 -8.22
N MET F 48 -30.80 -10.38 -7.29
CA MET F 48 -30.59 -11.79 -7.05
C MET F 48 -31.75 -12.34 -6.23
N GLY F 49 -31.92 -11.84 -5.02
CA GLY F 49 -33.08 -12.21 -4.24
C GLY F 49 -32.88 -12.08 -2.74
N GLY F 50 -33.94 -12.31 -1.96
CA GLY F 50 -33.88 -12.10 -0.53
C GLY F 50 -34.70 -13.05 0.31
N ILE F 51 -34.53 -12.97 1.62
CA ILE F 51 -35.18 -13.84 2.58
C ILE F 51 -35.74 -13.26 3.86
N ILE F 52 -36.82 -13.85 4.37
CA ILE F 52 -37.29 -13.54 5.71
C ILE F 52 -36.72 -14.61 6.64
N PRO F 53 -35.95 -14.21 7.67
CA PRO F 53 -35.17 -15.20 8.44
C PRO F 53 -36.04 -16.21 9.19
N THR F 54 -37.02 -15.70 9.93
CA THR F 54 -37.79 -16.53 10.85
C THR F 54 -38.51 -17.74 10.28
N PHE F 55 -39.23 -17.51 9.19
CA PHE F 55 -39.77 -18.54 8.31
C PHE F 55 -39.38 -18.11 6.92
N GLY F 56 -38.87 -19.02 6.08
CA GLY F 56 -38.39 -18.64 4.77
C GLY F 56 -38.29 -19.95 4.03
N THR F 57 -38.30 -19.89 2.70
CA THR F 57 -38.17 -21.08 1.88
C THR F 57 -37.10 -20.96 0.81
N ALA F 58 -37.36 -20.18 -0.23
CA ALA F 58 -36.39 -19.99 -1.30
C ALA F 58 -36.18 -18.54 -1.72
N ASN F 59 -37.18 -17.99 -2.42
CA ASN F 59 -37.15 -16.60 -2.86
C ASN F 59 -35.92 -16.20 -3.70
N TYR F 60 -35.88 -16.67 -4.94
CA TYR F 60 -34.73 -16.43 -5.82
C TYR F 60 -35.15 -15.80 -7.14
N ALA F 61 -34.20 -15.68 -8.06
CA ALA F 61 -34.51 -15.21 -9.39
C ALA F 61 -34.33 -16.34 -10.40
N GLN F 62 -34.70 -16.10 -11.64
CA GLN F 62 -34.75 -17.16 -12.64
C GLN F 62 -33.38 -17.44 -13.27
N LYS F 63 -32.66 -16.37 -13.58
CA LYS F 63 -31.39 -16.46 -14.27
C LYS F 63 -30.40 -17.39 -13.56
N PHE F 64 -30.31 -17.25 -12.24
CA PHE F 64 -29.34 -17.99 -11.43
C PHE F 64 -29.76 -19.43 -11.09
N GLN F 65 -31.07 -19.67 -10.97
CA GLN F 65 -31.61 -21.01 -10.79
C GLN F 65 -30.91 -21.83 -9.69
N GLY F 66 -30.70 -21.23 -8.52
CA GLY F 66 -30.16 -21.94 -7.38
C GLY F 66 -28.67 -21.80 -7.16
N ARG F 67 -27.94 -21.36 -8.19
CA ARG F 67 -26.51 -21.12 -8.05
C ARG F 67 -26.31 -20.29 -6.79
N VAL F 68 -27.19 -19.31 -6.61
CA VAL F 68 -27.21 -18.49 -5.41
C VAL F 68 -27.99 -19.17 -4.30
N THR F 69 -27.50 -19.04 -3.07
CA THR F 69 -28.21 -19.55 -1.91
C THR F 69 -28.23 -18.49 -0.81
N ILE F 70 -29.43 -18.02 -0.45
CA ILE F 70 -29.55 -17.07 0.64
C ILE F 70 -29.81 -17.83 1.94
N THR F 71 -29.20 -17.35 3.03
CA THR F 71 -29.22 -18.06 4.30
C THR F 71 -29.64 -17.13 5.44
N ALA F 72 -30.32 -17.67 6.44
CA ALA F 72 -30.72 -16.89 7.60
C ALA F 72 -30.39 -17.63 8.88
N ASP F 73 -29.47 -17.06 9.67
CA ASP F 73 -29.17 -17.59 10.99
C ASP F 73 -29.62 -16.58 12.04
N GLU F 74 -30.64 -16.97 12.78
CA GLU F 74 -31.32 -16.12 13.76
C GLU F 74 -30.55 -16.03 15.07
N SER F 75 -29.87 -17.10 15.44
CA SER F 75 -29.05 -17.10 16.65
C SER F 75 -27.90 -16.12 16.46
N THR F 76 -27.53 -15.89 15.21
CA THR F 76 -26.50 -14.91 14.84
C THR F 76 -26.98 -13.47 14.73
N SER F 77 -28.22 -13.29 14.29
CA SER F 77 -28.66 -12.02 13.70
C SER F 77 -27.95 -11.80 12.37
N THR F 78 -27.78 -12.87 11.60
CA THR F 78 -26.96 -12.77 10.38
C THR F 78 -27.57 -13.46 9.15
N ALA F 79 -27.35 -12.87 7.98
CA ALA F 79 -27.85 -13.42 6.72
C ALA F 79 -26.69 -13.64 5.74
N TYR F 80 -26.81 -14.65 4.88
CA TYR F 80 -25.73 -14.96 3.96
C TYR F 80 -26.18 -15.11 2.51
N MET F 81 -25.22 -15.05 1.59
CA MET F 81 -25.46 -15.21 0.16
C MET F 81 -24.34 -16.03 -0.46
N GLU F 82 -24.65 -17.09 -1.17
CA GLU F 82 -23.60 -17.95 -1.72
C GLU F 82 -23.75 -18.15 -3.22
N LEU F 83 -22.79 -17.63 -3.98
CA LEU F 83 -22.81 -17.78 -5.42
C LEU F 83 -21.72 -18.76 -5.84
N SER F 84 -22.09 -19.73 -6.67
CA SER F 84 -21.13 -20.72 -7.12
C SER F 84 -20.90 -20.59 -8.62
N SER F 85 -19.99 -21.38 -9.15
CA SER F 85 -19.66 -21.34 -10.57
C SER F 85 -19.48 -19.90 -11.05
N LEU F 86 -18.65 -19.16 -10.34
CA LEU F 86 -18.41 -17.75 -10.64
C LEU F 86 -17.69 -17.56 -11.98
N ARG F 87 -17.81 -16.36 -12.53
CA ARG F 87 -17.19 -16.02 -13.81
C ARG F 87 -16.81 -14.55 -13.83
N SER F 88 -16.31 -14.08 -14.96
CA SER F 88 -15.91 -12.68 -15.10
C SER F 88 -17.09 -11.73 -14.95
N GLU F 89 -18.27 -12.19 -15.38
CA GLU F 89 -19.48 -11.37 -15.39
C GLU F 89 -20.13 -11.30 -14.01
N ASP F 90 -19.64 -12.11 -13.08
CA ASP F 90 -20.12 -12.08 -11.69
C ASP F 90 -19.34 -11.04 -10.87
N THR F 91 -18.27 -10.50 -11.45
CA THR F 91 -17.54 -9.40 -10.81
C THR F 91 -18.54 -8.28 -10.58
N ALA F 92 -18.66 -7.84 -9.33
CA ALA F 92 -19.64 -6.82 -8.97
C ALA F 92 -19.61 -6.53 -7.47
N VAL F 93 -20.16 -5.40 -7.08
CA VAL F 93 -20.38 -5.09 -5.67
C VAL F 93 -21.70 -5.70 -5.25
N TYR F 94 -21.69 -6.42 -4.14
CA TYR F 94 -22.91 -7.06 -3.67
C TYR F 94 -23.50 -6.28 -2.48
N TYR F 95 -24.75 -5.86 -2.64
CA TYR F 95 -25.45 -5.10 -1.62
C TYR F 95 -26.56 -5.92 -0.99
N CYS F 96 -26.83 -5.67 0.29
CA CYS F 96 -27.97 -6.26 0.97
C CYS F 96 -28.72 -5.19 1.75
N ALA F 97 -30.05 -5.19 1.66
CA ALA F 97 -30.86 -4.17 2.33
C ALA F 97 -32.05 -4.79 3.05
N GLN F 98 -32.62 -4.06 4.01
CA GLN F 98 -33.64 -4.64 4.90
C GLN F 98 -35.03 -4.79 4.26
N GLY F 99 -36.03 -5.08 5.09
CA GLY F 99 -37.36 -5.49 4.65
C GLY F 99 -38.25 -4.31 4.30
N PRO F 100 -39.57 -4.42 4.58
CA PRO F 100 -40.29 -5.41 5.39
C PRO F 100 -40.42 -6.86 4.90
N ILE F 101 -40.45 -7.03 3.58
CA ILE F 101 -40.55 -8.29 2.91
C ILE F 101 -40.00 -8.23 1.50
N VAL F 102 -39.84 -9.36 0.81
CA VAL F 102 -39.17 -9.42 -0.49
C VAL F 102 -39.26 -8.48 -1.69
N GLY F 103 -40.47 -8.33 -2.23
CA GLY F 103 -40.71 -7.39 -3.30
C GLY F 103 -40.67 -5.95 -2.84
N ALA F 104 -40.94 -5.75 -1.55
CA ALA F 104 -40.96 -4.42 -0.98
C ALA F 104 -39.67 -3.68 -1.25
N PRO F 105 -39.79 -2.39 -1.57
CA PRO F 105 -38.62 -1.53 -1.75
C PRO F 105 -37.82 -1.42 -0.45
N THR F 106 -36.50 -1.49 -0.57
CA THR F 106 -35.65 -1.39 0.61
C THR F 106 -35.60 0.04 1.14
N ASP F 107 -35.02 0.19 2.33
CA ASP F 107 -34.79 1.48 2.96
C ASP F 107 -33.30 1.68 3.28
N TYR F 108 -32.84 0.95 4.29
CA TYR F 108 -31.44 0.95 4.71
C TYR F 108 -30.63 -0.09 3.94
N TRP F 109 -29.43 0.29 3.49
CA TRP F 109 -28.55 -0.62 2.76
C TRP F 109 -27.25 -0.87 3.52
N GLY F 110 -26.40 -1.72 2.96
CA GLY F 110 -25.08 -1.95 3.51
C GLY F 110 -24.03 -1.23 2.69
N LYS F 111 -22.75 -1.43 3.02
CA LYS F 111 -21.68 -0.77 2.28
C LYS F 111 -21.39 -1.43 0.94
N GLY F 112 -21.65 -2.74 0.88
CA GLY F 112 -21.36 -3.52 -0.30
C GLY F 112 -20.08 -4.33 -0.16
N THR F 113 -20.06 -5.50 -0.78
CA THR F 113 -18.87 -6.34 -0.79
C THR F 113 -18.41 -6.55 -2.22
N LEU F 114 -17.23 -6.04 -2.55
CA LEU F 114 -16.68 -6.18 -3.88
C LEU F 114 -16.19 -7.60 -4.11
N VAL F 115 -16.69 -8.24 -5.16
CA VAL F 115 -16.26 -9.59 -5.51
C VAL F 115 -15.61 -9.58 -6.88
N THR F 116 -14.32 -9.90 -6.90
CA THR F 116 -13.54 -9.83 -8.13
C THR F 116 -13.27 -11.22 -8.70
N VAL F 117 -13.55 -11.39 -9.99
CA VAL F 117 -13.33 -12.67 -10.64
C VAL F 117 -12.47 -12.56 -11.91
N SER F 118 -11.49 -13.45 -12.01
CA SER F 118 -10.70 -13.64 -13.22
C SER F 118 -9.62 -14.68 -12.93
N SER F 119 -9.05 -15.26 -13.98
CA SER F 119 -7.91 -16.14 -13.81
C SER F 119 -6.82 -15.35 -13.12
N ALA F 120 -6.29 -14.36 -13.84
CA ALA F 120 -5.34 -13.41 -13.30
C ALA F 120 -4.15 -14.08 -12.61
N SER F 121 -3.73 -13.50 -11.50
CA SER F 121 -2.53 -13.93 -10.79
C SER F 121 -2.48 -13.22 -9.44
N THR F 122 -1.39 -13.43 -8.70
CA THR F 122 -1.02 -12.56 -7.59
C THR F 122 0.37 -12.05 -7.91
N LYS F 123 0.50 -10.76 -8.19
CA LYS F 123 1.74 -10.26 -8.80
C LYS F 123 2.29 -8.95 -8.23
N GLY F 124 3.59 -8.76 -8.35
CA GLY F 124 4.23 -7.52 -7.94
C GLY F 124 4.31 -6.55 -9.11
N PRO F 125 4.32 -5.24 -8.79
CA PRO F 125 4.49 -4.15 -9.76
C PRO F 125 5.95 -3.91 -10.16
N SER F 126 6.16 -3.28 -11.31
CA SER F 126 7.48 -2.82 -11.71
C SER F 126 7.48 -1.29 -11.69
N VAL F 127 8.41 -0.70 -10.94
CA VAL F 127 8.37 0.74 -10.69
C VAL F 127 9.42 1.52 -11.48
N PHE F 128 8.96 2.42 -12.35
CA PHE F 128 9.85 3.12 -13.28
C PHE F 128 9.76 4.66 -13.20
N PRO F 129 10.91 5.33 -13.41
CA PRO F 129 11.05 6.80 -13.43
C PRO F 129 10.60 7.41 -14.75
N LEU F 130 10.32 8.72 -14.74
CA LEU F 130 9.86 9.41 -15.94
C LEU F 130 10.61 10.74 -16.12
N ALA F 131 10.63 11.23 -17.36
CA ALA F 131 11.21 12.54 -17.66
C ALA F 131 12.67 12.68 -17.23
N PRO F 132 13.58 12.02 -17.97
CA PRO F 132 15.03 11.92 -17.74
C PRO F 132 15.55 12.86 -16.65
N GLY F 140 6.08 26.54 -18.34
CA GLY F 140 7.44 26.67 -17.85
C GLY F 140 7.68 25.90 -16.58
N THR F 141 6.94 24.81 -16.42
CA THR F 141 7.05 23.97 -15.23
C THR F 141 7.43 22.54 -15.62
N ALA F 142 7.95 21.79 -14.66
CA ALA F 142 8.34 20.41 -14.91
C ALA F 142 7.31 19.43 -14.36
N ALA F 143 6.94 18.44 -15.18
CA ALA F 143 6.02 17.40 -14.76
C ALA F 143 6.72 16.06 -14.75
N LEU F 144 6.81 15.44 -13.58
CA LEU F 144 7.54 14.18 -13.44
C LEU F 144 6.91 13.28 -12.40
N GLY F 145 7.15 11.98 -12.51
CA GLY F 145 6.52 11.04 -11.60
C GLY F 145 6.95 9.59 -11.76
N CYS F 146 6.12 8.71 -11.24
CA CYS F 146 6.41 7.29 -11.19
C CYS F 146 5.40 6.48 -12.00
N LEU F 147 5.84 5.32 -12.50
CA LEU F 147 4.96 4.41 -13.23
C LEU F 147 5.03 3.00 -12.64
N VAL F 148 3.90 2.52 -12.13
CA VAL F 148 3.82 1.16 -11.63
C VAL F 148 3.17 0.25 -12.69
N LYS F 149 3.84 -0.84 -13.02
CA LYS F 149 3.49 -1.63 -14.19
C LYS F 149 3.19 -3.10 -13.87
N ASP F 150 2.13 -3.62 -14.45
CA ASP F 150 1.80 -5.04 -14.36
C ASP F 150 1.68 -5.53 -12.93
N TYR F 151 0.63 -5.12 -12.23
CA TYR F 151 0.43 -5.56 -10.85
C TYR F 151 -0.98 -6.12 -10.58
N PHE F 152 -1.19 -6.60 -9.36
CA PHE F 152 -2.49 -7.17 -8.94
C PHE F 152 -3.07 -6.50 -7.67
N PRO F 153 -4.03 -7.14 -6.98
CA PRO F 153 -5.17 -6.29 -6.61
C PRO F 153 -4.91 -4.93 -5.97
N GLU F 154 -5.78 -3.98 -6.32
CA GLU F 154 -5.86 -2.73 -5.59
C GLU F 154 -6.02 -3.04 -4.11
N PRO F 155 -5.52 -2.13 -3.25
CA PRO F 155 -4.90 -0.89 -3.71
C PRO F 155 -3.43 -1.07 -4.10
N VAL F 156 -2.83 0.05 -4.47
CA VAL F 156 -1.40 0.23 -4.34
C VAL F 156 -1.20 1.63 -3.78
N THR F 157 -0.51 1.73 -2.66
CA THR F 157 -0.36 3.02 -2.00
C THR F 157 0.84 3.74 -2.58
N VAL F 158 0.58 4.82 -3.30
CA VAL F 158 1.64 5.58 -3.93
C VAL F 158 1.83 6.90 -3.21
N SER F 159 2.89 6.98 -2.42
CA SER F 159 3.23 8.21 -1.74
C SER F 159 4.44 8.83 -2.42
N TRP F 160 4.81 10.01 -1.94
CA TRP F 160 5.96 10.72 -2.46
C TRP F 160 6.77 11.27 -1.29
N ASN F 161 8.02 10.82 -1.20
CA ASN F 161 8.88 11.22 -0.10
C ASN F 161 8.17 11.03 1.23
N SER F 162 7.46 9.89 1.34
CA SER F 162 6.70 9.54 2.54
C SER F 162 5.75 10.65 2.97
N GLY F 163 4.91 11.10 2.04
CA GLY F 163 4.08 12.26 2.30
C GLY F 163 4.97 13.47 2.32
N ALA F 164 4.49 14.57 2.90
CA ALA F 164 5.26 15.81 2.94
C ALA F 164 5.52 16.32 1.52
N LEU F 165 5.11 15.53 0.53
CA LEU F 165 4.97 15.97 -0.83
C LEU F 165 3.49 15.82 -1.15
N THR F 166 2.79 16.94 -1.24
CA THR F 166 1.33 16.90 -1.35
C THR F 166 0.84 17.68 -2.56
N SER F 167 1.01 19.00 -2.52
CA SER F 167 0.57 19.85 -3.61
C SER F 167 1.16 19.39 -4.93
N GLY F 168 0.31 19.16 -5.91
CA GLY F 168 0.76 18.74 -7.24
C GLY F 168 0.76 17.24 -7.45
N VAL F 169 0.65 16.48 -6.38
CA VAL F 169 0.67 15.02 -6.50
C VAL F 169 -0.70 14.49 -6.92
N HIS F 170 -0.75 13.84 -8.08
CA HIS F 170 -1.99 13.25 -8.57
C HIS F 170 -1.84 11.88 -9.22
N THR F 171 -2.71 10.95 -8.84
CA THR F 171 -2.65 9.59 -9.38
C THR F 171 -3.76 9.13 -10.32
N PHE F 172 -3.42 9.00 -11.60
CA PHE F 172 -4.36 8.51 -12.58
C PHE F 172 -4.74 7.11 -12.10
N PRO F 173 -6.03 6.75 -12.23
CA PRO F 173 -6.48 5.47 -11.68
C PRO F 173 -5.78 4.30 -12.37
N ALA F 174 -6.07 3.09 -11.91
CA ALA F 174 -5.54 1.90 -12.54
C ALA F 174 -6.30 1.63 -13.84
N VAL F 175 -5.66 0.90 -14.74
CA VAL F 175 -6.31 0.48 -15.97
C VAL F 175 -6.30 -1.05 -16.03
N LEU F 176 -7.31 -1.63 -16.66
CA LEU F 176 -7.35 -3.08 -16.79
C LEU F 176 -7.00 -3.49 -18.22
N GLN F 177 -5.83 -4.11 -18.37
CA GLN F 177 -5.31 -4.47 -19.68
C GLN F 177 -5.95 -5.75 -20.18
N SER F 178 -5.55 -6.19 -21.37
CA SER F 178 -5.97 -7.48 -21.88
C SER F 178 -5.26 -8.55 -21.07
N SER F 179 -4.09 -8.19 -20.55
CA SER F 179 -3.36 -9.01 -19.60
C SER F 179 -4.29 -9.47 -18.49
N GLY F 180 -4.87 -8.51 -17.77
CA GLY F 180 -5.70 -8.79 -16.62
C GLY F 180 -5.03 -8.32 -15.35
N LEU F 181 -3.77 -7.91 -15.48
CA LEU F 181 -3.09 -7.25 -14.38
C LEU F 181 -3.37 -5.76 -14.51
N TYR F 182 -2.92 -4.96 -13.55
CA TYR F 182 -3.17 -3.53 -13.65
C TYR F 182 -1.89 -2.72 -13.85
N SER F 183 -2.08 -1.43 -14.05
CA SER F 183 -0.98 -0.47 -14.11
C SER F 183 -1.52 0.90 -13.73
N LEU F 184 -0.69 1.71 -13.07
CA LEU F 184 -1.13 3.00 -12.52
C LEU F 184 -0.03 4.04 -12.68
N SER F 185 -0.42 5.27 -13.03
CA SER F 185 0.55 6.35 -13.17
C SER F 185 0.41 7.35 -12.03
N SER F 186 1.55 7.82 -11.54
CA SER F 186 1.55 8.89 -10.55
C SER F 186 2.39 10.04 -11.11
N VAL F 187 1.86 11.25 -11.05
CA VAL F 187 2.56 12.40 -11.58
C VAL F 187 2.47 13.61 -10.65
N VAL F 188 3.55 14.38 -10.62
CA VAL F 188 3.61 15.59 -9.82
C VAL F 188 4.21 16.74 -10.64
N THR F 189 3.58 17.90 -10.52
CA THR F 189 4.04 19.11 -11.18
C THR F 189 4.81 19.98 -10.18
N VAL F 190 5.97 20.47 -10.61
CA VAL F 190 6.83 21.26 -9.75
C VAL F 190 7.50 22.33 -10.61
N PRO F 191 7.78 23.51 -10.03
CA PRO F 191 8.47 24.52 -10.83
C PRO F 191 9.75 23.95 -11.41
N SER F 192 10.20 24.49 -12.54
CA SER F 192 11.41 23.99 -13.19
C SER F 192 12.50 23.78 -12.14
N SER F 193 12.96 24.87 -11.55
CA SER F 193 13.94 24.82 -10.47
C SER F 193 15.27 24.07 -10.46
N THR F 197 18.06 21.37 -5.78
CA THR F 197 17.07 21.99 -4.78
C THR F 197 16.22 20.71 -4.41
N GLN F 198 16.20 19.81 -5.39
CA GLN F 198 15.19 18.76 -5.47
C GLN F 198 15.49 17.28 -5.63
N THR F 199 15.27 16.50 -4.56
CA THR F 199 15.29 15.05 -4.66
C THR F 199 13.86 14.55 -4.83
N TYR F 200 13.64 13.63 -5.76
CA TYR F 200 12.32 13.04 -5.89
C TYR F 200 12.33 11.52 -5.93
N ILE F 201 11.73 10.92 -4.91
CA ILE F 201 11.57 9.49 -4.83
C ILE F 201 10.09 9.17 -4.69
N CYS F 202 9.59 8.24 -5.49
CA CYS F 202 8.22 7.80 -5.30
C CYS F 202 8.18 6.51 -4.51
N ASN F 203 7.39 6.49 -3.44
CA ASN F 203 7.28 5.34 -2.57
C ASN F 203 6.06 4.51 -2.96
N VAL F 204 6.29 3.30 -3.45
CA VAL F 204 5.20 2.48 -3.95
C VAL F 204 5.00 1.22 -3.12
N ASN F 205 3.83 1.10 -2.48
CA ASN F 205 3.50 -0.12 -1.74
C ASN F 205 2.38 -0.93 -2.38
N HIS F 206 2.69 -2.15 -2.80
CA HIS F 206 1.64 -3.09 -3.22
C HIS F 206 1.46 -4.19 -2.18
N LYS F 207 0.28 -4.22 -1.56
CA LYS F 207 0.06 -5.08 -0.39
C LYS F 207 0.04 -6.59 -0.64
N PRO F 208 -0.85 -7.10 -1.51
CA PRO F 208 -0.68 -8.55 -1.52
C PRO F 208 0.28 -9.05 -2.60
N SER F 209 1.34 -8.31 -2.89
CA SER F 209 2.56 -8.89 -3.43
C SER F 209 3.66 -8.80 -2.37
N ASN F 210 3.30 -8.15 -1.26
CA ASN F 210 4.29 -7.66 -0.29
C ASN F 210 5.52 -7.04 -0.96
N THR F 211 5.30 -5.90 -1.63
CA THR F 211 6.38 -5.18 -2.28
C THR F 211 6.35 -3.68 -1.96
N LYS F 212 7.41 -3.20 -1.32
CA LYS F 212 7.59 -1.77 -1.19
C LYS F 212 8.82 -1.34 -1.98
N VAL F 213 8.59 -0.66 -3.10
CA VAL F 213 9.67 -0.25 -3.99
C VAL F 213 9.62 1.25 -4.18
N ASP F 214 10.76 1.90 -3.97
CA ASP F 214 10.86 3.35 -4.11
C ASP F 214 11.79 3.70 -5.26
N LYS F 215 11.41 4.68 -6.07
CA LYS F 215 12.21 5.01 -7.24
C LYS F 215 12.67 6.46 -7.29
N ARG F 216 13.70 6.71 -8.10
CA ARG F 216 14.41 7.98 -8.11
C ARG F 216 14.39 8.60 -9.50
N VAL F 217 14.44 9.93 -9.56
CA VAL F 217 14.36 10.68 -10.81
C VAL F 217 15.74 11.09 -11.33
#